data_1F61
#
_entry.id   1F61
#
_cell.length_a   130.245
_cell.length_b   130.245
_cell.length_c   288.405
_cell.angle_alpha   90.00
_cell.angle_beta   90.00
_cell.angle_gamma   120.00
#
_symmetry.space_group_name_H-M   'P 65 2 2'
#
loop_
_entity.id
_entity.type
_entity.pdbx_description
1 polymer 'ISOCITRATE LYASE'
2 non-polymer 'MAGNESIUM ION'
3 water water
#
_entity_poly.entity_id   1
_entity_poly.type   'polypeptide(L)'
_entity_poly.pdbx_seq_one_letter_code
;MASVVGTPKSAEQIQQEWDTNPRWKDVTRTYSAEDVVALQGSVVEEHTLARRGAEVLWEQLHDLEWVNALGALTGNMAVQ
QVRAGLKAIYLSGWQVAGDANLSGHTYPDQSLYPANSVPQVVRRINNALQRADQIAKIEGDTSVENWLAPIVADGEAGFG
GALNVYELQKALIAAGVAGSHWEDQLASEKKCGHLGGKVLIPTQQHIRTLTSARLAADVADVPTVVIARTDAEAATLITS
DVDERDQPFITGERTREGFYRTKNGIEPCIARAKAYAPFADLIWMETGTPDLEAARQFSEAVKAEYPDQMLAYNCSPSFN
WKKHLDDATIAKFQKELAAMGFKFQFITLAGFHALNYSMFDLAYGYAQNQMSAYVELQEREFAAEERGYTATKHQREVGA
GYFDRIATTVDPNSSTTALTGSTEEGQFH
;
_entity_poly.pdbx_strand_id   A,B
#
# COMPACT_ATOMS: atom_id res chain seq x y z
N ALA A 2 30.08 26.17 -20.77
CA ALA A 2 29.33 26.44 -19.50
C ALA A 2 29.63 25.31 -18.53
N SER A 3 28.57 24.64 -18.11
CA SER A 3 28.70 23.52 -17.20
C SER A 3 28.95 22.25 -17.99
N VAL A 4 29.71 21.33 -17.42
CA VAL A 4 29.94 20.06 -18.06
C VAL A 4 29.13 18.99 -17.29
N VAL A 5 28.33 19.43 -16.31
CA VAL A 5 27.52 18.50 -15.53
C VAL A 5 26.50 17.83 -16.46
N GLY A 6 26.53 16.50 -16.51
CA GLY A 6 25.62 15.76 -17.37
C GLY A 6 25.82 15.81 -18.89
N THR A 7 26.97 16.30 -19.35
CA THR A 7 27.25 16.35 -20.79
C THR A 7 27.11 14.94 -21.36
N PRO A 8 26.42 14.77 -22.50
CA PRO A 8 26.24 13.45 -23.12
C PRO A 8 27.56 12.86 -23.63
N LYS A 9 27.64 11.55 -23.73
CA LYS A 9 28.83 10.93 -24.29
C LYS A 9 28.70 11.12 -25.80
N SER A 10 29.79 10.95 -26.55
CA SER A 10 29.72 11.09 -28.02
C SER A 10 29.19 9.76 -28.58
N ALA A 11 28.75 9.77 -29.82
CA ALA A 11 28.26 8.55 -30.41
C ALA A 11 29.39 7.52 -30.46
N GLU A 12 30.61 8.00 -30.68
CA GLU A 12 31.75 7.07 -30.74
C GLU A 12 31.97 6.36 -29.40
N GLN A 13 31.82 7.06 -28.29
CA GLN A 13 31.98 6.40 -26.99
C GLN A 13 30.90 5.33 -26.77
N ILE A 14 29.66 5.66 -27.14
CA ILE A 14 28.55 4.73 -26.96
C ILE A 14 28.84 3.49 -27.82
N GLN A 15 29.22 3.72 -29.07
CA GLN A 15 29.49 2.60 -29.97
C GLN A 15 30.59 1.69 -29.42
N GLN A 16 31.61 2.31 -28.81
CA GLN A 16 32.73 1.57 -28.23
C GLN A 16 32.24 0.67 -27.11
N GLU A 17 31.34 1.19 -26.27
CA GLU A 17 30.78 0.37 -25.18
C GLU A 17 29.98 -0.76 -25.78
N TRP A 18 29.18 -0.45 -26.80
CA TRP A 18 28.36 -1.50 -27.41
C TRP A 18 29.27 -2.56 -28.04
N ASP A 19 30.40 -2.13 -28.59
CA ASP A 19 31.31 -3.06 -29.24
C ASP A 19 32.10 -3.90 -28.28
N THR A 20 32.48 -3.32 -27.15
CA THR A 20 33.34 -4.02 -26.23
C THR A 20 32.82 -4.53 -24.89
N ASN A 21 31.78 -3.92 -24.33
CA ASN A 21 31.30 -4.41 -23.05
C ASN A 21 30.59 -5.74 -23.25
N PRO A 22 30.99 -6.78 -22.50
CA PRO A 22 30.33 -8.08 -22.63
C PRO A 22 28.82 -8.01 -22.33
N ARG A 23 28.40 -6.94 -21.65
CA ARG A 23 26.97 -6.74 -21.35
C ARG A 23 26.14 -6.77 -22.63
N TRP A 24 26.71 -6.24 -23.72
CA TRP A 24 26.00 -6.16 -24.98
C TRP A 24 26.26 -7.27 -26.00
N LYS A 25 26.88 -8.34 -25.54
CA LYS A 25 27.14 -9.50 -26.40
C LYS A 25 25.79 -10.02 -26.92
N ASP A 26 25.63 -10.18 -28.23
CA ASP A 26 24.36 -10.70 -28.74
C ASP A 26 23.13 -9.82 -28.46
N VAL A 27 23.35 -8.51 -28.37
CA VAL A 27 22.22 -7.61 -28.19
C VAL A 27 22.08 -6.88 -29.51
N THR A 28 20.95 -7.07 -30.18
CA THR A 28 20.71 -6.36 -31.42
C THR A 28 20.01 -5.03 -31.17
N ARG A 29 20.51 -4.00 -31.82
CA ARG A 29 19.92 -2.67 -31.77
C ARG A 29 19.76 -2.30 -33.23
N THR A 30 18.53 -2.10 -33.68
CA THR A 30 18.32 -1.75 -35.06
C THR A 30 18.47 -0.27 -35.35
N TYR A 31 18.76 0.52 -34.32
CA TYR A 31 18.98 1.96 -34.49
C TYR A 31 20.47 2.16 -34.20
N SER A 32 20.97 3.37 -34.44
CA SER A 32 22.40 3.66 -34.25
C SER A 32 22.79 4.42 -33.00
N ALA A 33 24.08 4.43 -32.72
CA ALA A 33 24.55 5.18 -31.55
C ALA A 33 24.22 6.66 -31.78
N GLU A 34 24.35 7.11 -33.03
CA GLU A 34 24.06 8.52 -33.31
C GLU A 34 22.56 8.82 -33.10
N ASP A 35 21.71 7.84 -33.38
CA ASP A 35 20.26 8.00 -33.17
C ASP A 35 20.02 8.21 -31.66
N VAL A 36 20.79 7.53 -30.81
CA VAL A 36 20.62 7.67 -29.35
C VAL A 36 21.01 9.07 -28.90
N VAL A 37 22.19 9.51 -29.36
CA VAL A 37 22.69 10.82 -29.00
C VAL A 37 21.73 11.92 -29.46
N ALA A 38 21.20 11.76 -30.65
CA ALA A 38 20.29 12.78 -31.18
C ALA A 38 19.04 13.00 -30.30
N LEU A 39 18.66 12.02 -29.48
CA LEU A 39 17.46 12.15 -28.62
C LEU A 39 17.78 12.59 -27.19
N GLN A 40 19.06 12.81 -26.88
CA GLN A 40 19.46 13.15 -25.52
C GLN A 40 19.53 14.62 -25.14
N GLY A 41 19.21 15.52 -26.06
CA GLY A 41 19.29 16.92 -25.72
C GLY A 41 20.72 17.29 -25.34
N SER A 42 20.90 18.27 -24.48
CA SER A 42 22.27 18.63 -24.16
C SER A 42 22.70 18.29 -22.73
N VAL A 43 21.81 17.65 -21.97
CA VAL A 43 22.13 17.25 -20.61
C VAL A 43 21.47 15.91 -20.37
N VAL A 44 22.21 14.96 -19.82
CA VAL A 44 21.67 13.64 -19.53
C VAL A 44 21.65 13.50 -18.00
N GLU A 45 20.46 13.43 -17.42
CA GLU A 45 20.35 13.21 -15.99
C GLU A 45 20.91 11.81 -15.68
N GLU A 46 21.69 11.72 -14.62
CA GLU A 46 22.22 10.45 -14.12
C GLU A 46 21.08 9.77 -13.32
N HIS A 47 20.89 8.47 -13.50
CA HIS A 47 19.87 7.72 -12.77
C HIS A 47 20.64 6.68 -11.94
N THR A 48 21.12 7.11 -10.78
CA THR A 48 21.97 6.26 -9.94
C THR A 48 21.37 4.92 -9.60
N LEU A 49 20.15 4.94 -9.06
CA LEU A 49 19.55 3.68 -8.66
C LEU A 49 19.26 2.78 -9.82
N ALA A 50 18.88 3.35 -10.95
CA ALA A 50 18.59 2.51 -12.11
C ALA A 50 19.90 1.89 -12.62
N ARG A 51 20.98 2.66 -12.60
CA ARG A 51 22.25 2.13 -13.10
C ARG A 51 22.76 1.05 -12.15
N ARG A 52 22.87 1.37 -10.88
CA ARG A 52 23.37 0.42 -9.90
C ARG A 52 22.50 -0.85 -9.86
N GLY A 53 21.17 -0.67 -9.87
CA GLY A 53 20.29 -1.83 -9.83
C GLY A 53 20.49 -2.78 -11.01
N ALA A 54 20.51 -2.20 -12.19
CA ALA A 54 20.69 -2.96 -13.42
C ALA A 54 22.06 -3.67 -13.43
N GLU A 55 23.13 -2.99 -13.01
CA GLU A 55 24.47 -3.63 -13.00
C GLU A 55 24.49 -4.77 -11.99
N VAL A 56 23.90 -4.54 -10.80
CA VAL A 56 23.85 -5.56 -9.78
C VAL A 56 23.04 -6.76 -10.24
N LEU A 57 21.88 -6.50 -10.83
CA LEU A 57 21.04 -7.59 -11.30
C LEU A 57 21.78 -8.45 -12.33
N TRP A 58 22.38 -7.79 -13.32
CA TRP A 58 23.11 -8.49 -14.38
C TRP A 58 24.22 -9.40 -13.77
N GLU A 59 24.99 -8.88 -12.83
CA GLU A 59 26.01 -9.69 -12.22
C GLU A 59 25.41 -10.87 -11.44
N GLN A 60 24.32 -10.61 -10.70
CA GLN A 60 23.68 -11.65 -9.91
C GLN A 60 23.19 -12.77 -10.82
N LEU A 61 22.68 -12.40 -11.99
CA LEU A 61 22.17 -13.39 -12.93
C LEU A 61 23.26 -14.35 -13.43
N HIS A 62 24.52 -13.90 -13.34
CA HIS A 62 25.65 -14.74 -13.77
C HIS A 62 26.34 -15.38 -12.55
N ASP A 63 26.37 -14.68 -11.42
CA ASP A 63 27.03 -15.20 -10.21
C ASP A 63 26.24 -16.18 -9.33
N LEU A 64 24.93 -16.00 -9.22
CA LEU A 64 24.12 -16.88 -8.38
C LEU A 64 23.57 -18.04 -9.16
N GLU A 65 23.19 -19.10 -8.48
CA GLU A 65 22.60 -20.27 -9.17
C GLU A 65 21.34 -19.80 -9.94
N TRP A 66 20.62 -18.88 -9.30
CA TRP A 66 19.45 -18.22 -9.89
C TRP A 66 19.06 -17.12 -8.92
N VAL A 67 18.32 -16.15 -9.44
CA VAL A 67 17.85 -15.02 -8.65
C VAL A 67 16.35 -15.24 -8.44
N ASN A 68 15.87 -15.23 -7.21
CA ASN A 68 14.44 -15.39 -7.06
C ASN A 68 13.85 -14.22 -6.30
N ALA A 69 12.55 -14.03 -6.49
CA ALA A 69 11.89 -12.87 -5.91
C ALA A 69 10.42 -13.12 -5.65
N LEU A 70 9.81 -12.18 -4.92
CA LEU A 70 8.39 -12.25 -4.55
C LEU A 70 7.77 -10.88 -4.89
N GLY A 71 6.55 -10.89 -5.45
CA GLY A 71 5.88 -9.63 -5.77
C GLY A 71 5.71 -8.74 -4.53
N ALA A 72 6.18 -7.52 -4.62
CA ALA A 72 6.07 -6.56 -3.53
C ALA A 72 5.17 -5.39 -4.01
N LEU A 73 4.20 -4.97 -3.17
CA LEU A 73 3.34 -3.86 -3.56
C LEU A 73 3.44 -2.66 -2.65
N THR A 74 4.21 -2.76 -1.55
CA THR A 74 4.44 -1.62 -0.67
C THR A 74 5.93 -1.59 -0.33
N GLY A 75 6.41 -0.41 0.10
CA GLY A 75 7.81 -0.27 0.45
C GLY A 75 8.23 -1.21 1.59
N ASN A 76 7.42 -1.27 2.66
CA ASN A 76 7.73 -2.13 3.78
C ASN A 76 7.83 -3.61 3.32
N MET A 77 6.97 -4.01 2.38
CA MET A 77 7.00 -5.40 1.89
C MET A 77 8.37 -5.67 1.31
N ALA A 78 8.90 -4.72 0.53
CA ALA A 78 10.22 -4.92 -0.08
C ALA A 78 11.33 -4.96 0.97
N VAL A 79 11.23 -4.08 1.97
CA VAL A 79 12.20 -4.08 3.05
C VAL A 79 12.26 -5.46 3.73
N GLN A 80 11.10 -6.06 4.04
CA GLN A 80 11.10 -7.37 4.68
C GLN A 80 11.68 -8.44 3.77
N GLN A 81 11.46 -8.31 2.46
CA GLN A 81 12.01 -9.28 1.53
C GLN A 81 13.53 -9.27 1.59
N VAL A 82 14.11 -8.09 1.65
CA VAL A 82 15.57 -7.96 1.70
C VAL A 82 16.06 -8.39 3.09
N ARG A 83 15.38 -7.96 4.13
CA ARG A 83 15.77 -8.33 5.49
C ARG A 83 15.76 -9.86 5.65
N ALA A 84 14.86 -10.52 4.94
CA ALA A 84 14.69 -11.96 4.99
C ALA A 84 15.73 -12.67 4.13
N GLY A 85 16.51 -11.91 3.37
CA GLY A 85 17.54 -12.53 2.54
C GLY A 85 17.35 -12.56 1.04
N LEU A 86 16.24 -12.02 0.51
CA LEU A 86 16.08 -12.05 -0.94
C LEU A 86 16.97 -11.01 -1.58
N LYS A 87 17.37 -11.27 -2.83
CA LYS A 87 18.34 -10.42 -3.50
C LYS A 87 17.80 -9.56 -4.62
N ALA A 88 16.50 -9.66 -4.88
CA ALA A 88 15.88 -8.85 -5.92
C ALA A 88 14.42 -8.70 -5.47
N ILE A 89 13.74 -7.71 -6.03
CA ILE A 89 12.35 -7.45 -5.71
C ILE A 89 11.58 -7.53 -7.02
N TYR A 90 10.41 -8.17 -6.99
CA TYR A 90 9.60 -8.25 -8.19
C TYR A 90 8.40 -7.31 -7.96
N LEU A 91 8.13 -6.47 -8.93
CA LEU A 91 7.04 -5.52 -8.75
C LEU A 91 6.00 -5.85 -9.76
N SER A 92 4.97 -6.50 -9.24
CA SER A 92 3.85 -6.99 -10.01
C SER A 92 2.85 -5.92 -10.44
N GLY A 93 2.50 -5.93 -11.72
CA GLY A 93 1.53 -4.97 -12.21
C GLY A 93 0.12 -5.41 -11.76
N TRP A 94 -0.09 -6.73 -11.66
CA TRP A 94 -1.37 -7.31 -11.23
C TRP A 94 -1.65 -6.81 -9.79
N GLN A 95 -0.64 -6.87 -8.92
CA GLN A 95 -0.83 -6.39 -7.54
C GLN A 95 -1.11 -4.89 -7.54
N VAL A 96 -0.42 -4.16 -8.40
CA VAL A 96 -0.62 -2.70 -8.49
C VAL A 96 -2.07 -2.44 -8.94
N ALA A 97 -2.55 -3.18 -9.93
CA ALA A 97 -3.93 -3.05 -10.38
C ALA A 97 -4.90 -3.35 -9.20
N GLY A 98 -4.62 -4.39 -8.41
CA GLY A 98 -5.57 -4.71 -7.35
C GLY A 98 -5.48 -3.92 -6.06
N ASP A 99 -4.35 -3.26 -5.79
CA ASP A 99 -4.25 -2.61 -4.49
C ASP A 99 -3.21 -1.50 -4.37
N ALA A 100 -2.62 -1.04 -5.48
CA ALA A 100 -1.64 0.03 -5.36
C ALA A 100 -1.45 0.87 -6.63
N ASN A 101 -2.53 1.38 -7.22
CA ASN A 101 -2.35 2.17 -8.44
C ASN A 101 -2.92 3.57 -8.26
N LEU A 102 -2.52 4.46 -9.15
CA LEU A 102 -2.86 5.86 -9.00
C LEU A 102 -4.32 6.30 -9.21
N SER A 103 -5.19 5.38 -9.65
CA SER A 103 -6.60 5.74 -9.80
C SER A 103 -7.30 5.64 -8.45
N GLY A 104 -6.72 4.86 -7.54
CA GLY A 104 -7.30 4.64 -6.22
C GLY A 104 -8.30 3.47 -6.21
N HIS A 105 -8.53 2.89 -7.40
CA HIS A 105 -9.46 1.78 -7.52
C HIS A 105 -8.83 0.39 -7.52
N THR A 106 -9.67 -0.60 -7.28
CA THR A 106 -9.26 -2.00 -7.31
C THR A 106 -9.59 -2.51 -8.71
N TYR A 107 -8.60 -3.05 -9.43
CA TYR A 107 -8.84 -3.55 -10.76
C TYR A 107 -8.27 -4.93 -11.03
N PRO A 108 -8.84 -5.62 -12.04
CA PRO A 108 -8.35 -6.93 -12.43
C PRO A 108 -7.20 -6.56 -13.39
N ASP A 109 -6.53 -7.58 -13.90
CA ASP A 109 -5.35 -7.39 -14.75
C ASP A 109 -5.65 -7.20 -16.24
N GLN A 110 -5.95 -5.97 -16.64
CA GLN A 110 -6.24 -5.66 -18.06
C GLN A 110 -5.77 -4.27 -18.44
N SER A 111 -4.60 -3.89 -17.94
CA SER A 111 -4.02 -2.56 -18.21
C SER A 111 -5.07 -1.46 -18.03
N LEU A 112 -5.74 -1.48 -16.88
CA LEU A 112 -6.77 -0.52 -16.55
C LEU A 112 -6.30 0.69 -15.75
N TYR A 113 -5.22 0.51 -14.98
CA TYR A 113 -4.72 1.58 -14.14
C TYR A 113 -3.90 2.60 -14.92
N PRO A 114 -3.67 3.80 -14.36
CA PRO A 114 -2.90 4.88 -14.99
C PRO A 114 -1.46 4.36 -15.26
N ALA A 115 -0.95 4.63 -16.47
CA ALA A 115 0.35 4.13 -16.94
C ALA A 115 1.57 4.48 -16.06
N ASN A 116 1.48 5.53 -15.25
CA ASN A 116 2.62 5.86 -14.38
C ASN A 116 2.53 5.19 -13.00
N SER A 117 1.57 4.29 -12.83
CA SER A 117 1.44 3.61 -11.53
C SER A 117 2.65 2.73 -11.11
N VAL A 118 3.13 1.85 -12.00
CA VAL A 118 4.25 1.01 -11.61
C VAL A 118 5.46 1.89 -11.28
N PRO A 119 5.77 2.89 -12.13
CA PRO A 119 6.91 3.73 -11.80
C PRO A 119 6.82 4.34 -10.40
N GLN A 120 5.63 4.81 -9.99
CA GLN A 120 5.52 5.36 -8.66
C GLN A 120 5.83 4.32 -7.57
N VAL A 121 5.45 3.06 -7.80
CA VAL A 121 5.73 2.02 -6.78
C VAL A 121 7.24 1.66 -6.79
N VAL A 122 7.86 1.70 -7.97
CA VAL A 122 9.32 1.47 -8.06
C VAL A 122 10.00 2.56 -7.21
N ARG A 123 9.59 3.81 -7.40
CA ARG A 123 10.20 4.91 -6.62
C ARG A 123 9.98 4.71 -5.12
N ARG A 124 8.76 4.28 -4.77
CA ARG A 124 8.43 4.03 -3.38
C ARG A 124 9.30 2.90 -2.77
N ILE A 125 9.44 1.78 -3.47
CA ILE A 125 10.25 0.67 -2.97
C ILE A 125 11.69 1.14 -2.79
N ASN A 126 12.22 1.91 -3.75
CA ASN A 126 13.59 2.40 -3.61
C ASN A 126 13.72 3.31 -2.37
N ASN A 127 12.74 4.19 -2.17
CA ASN A 127 12.78 5.07 -1.00
C ASN A 127 12.78 4.24 0.28
N ALA A 128 11.97 3.19 0.31
CA ALA A 128 11.85 2.36 1.52
C ALA A 128 13.18 1.61 1.80
N LEU A 129 13.77 1.07 0.75
CA LEU A 129 15.06 0.34 0.88
C LEU A 129 16.13 1.35 1.29
N GLN A 130 16.06 2.56 0.74
CA GLN A 130 17.03 3.57 1.13
C GLN A 130 16.90 3.92 2.59
N ARG A 131 15.67 3.96 3.10
CA ARG A 131 15.52 4.24 4.52
C ARG A 131 16.08 3.10 5.37
N ALA A 132 15.86 1.86 4.95
CA ALA A 132 16.38 0.71 5.73
C ALA A 132 17.92 0.81 5.77
N ASP A 133 18.50 1.15 4.64
CA ASP A 133 19.94 1.35 4.46
C ASP A 133 20.40 2.49 5.40
N GLN A 134 19.70 3.62 5.42
CA GLN A 134 20.08 4.73 6.30
C GLN A 134 20.08 4.33 7.79
N ILE A 135 19.04 3.62 8.19
CA ILE A 135 18.89 3.17 9.59
C ILE A 135 20.02 2.20 9.95
N ALA A 136 20.31 1.27 9.05
CA ALA A 136 21.37 0.28 9.25
C ALA A 136 22.71 0.96 9.47
N LYS A 137 22.98 1.98 8.67
CA LYS A 137 24.23 2.68 8.74
C LYS A 137 24.41 3.38 10.08
N ILE A 138 23.37 4.05 10.58
CA ILE A 138 23.55 4.72 11.85
C ILE A 138 23.52 3.75 13.04
N GLU A 139 23.02 2.54 12.81
CA GLU A 139 22.92 1.52 13.85
C GLU A 139 24.13 0.58 13.82
N GLY A 140 24.97 0.73 12.81
CA GLY A 140 26.11 -0.13 12.67
C GLY A 140 25.71 -1.56 12.27
N ASP A 141 24.51 -1.70 11.69
CA ASP A 141 24.02 -3.01 11.28
C ASP A 141 24.57 -3.38 9.92
N THR A 142 25.38 -4.42 9.87
CA THR A 142 25.97 -4.80 8.60
C THR A 142 25.46 -6.20 8.22
N SER A 143 24.36 -6.61 8.84
CA SER A 143 23.81 -7.93 8.56
C SER A 143 23.33 -8.07 7.12
N VAL A 144 22.85 -6.99 6.52
CA VAL A 144 22.42 -7.04 5.12
C VAL A 144 23.48 -6.33 4.33
N GLU A 145 24.02 -7.03 3.35
CA GLU A 145 25.08 -6.44 2.56
C GLU A 145 24.60 -5.43 1.52
N ASN A 146 23.40 -5.63 0.96
CA ASN A 146 22.91 -4.68 -0.07
C ASN A 146 21.42 -4.43 0.13
N TRP A 147 21.09 -3.31 0.75
CA TRP A 147 19.69 -2.98 0.95
C TRP A 147 19.04 -2.62 -0.38
N LEU A 148 19.82 -2.06 -1.30
CA LEU A 148 19.27 -1.67 -2.59
C LEU A 148 19.23 -2.83 -3.58
N ALA A 149 18.37 -3.78 -3.29
CA ALA A 149 18.20 -4.93 -4.14
C ALA A 149 17.58 -4.41 -5.44
N PRO A 150 18.01 -5.00 -6.56
CA PRO A 150 17.47 -4.58 -7.87
C PRO A 150 15.99 -4.88 -7.98
N ILE A 151 15.28 -3.97 -8.65
CA ILE A 151 13.83 -4.14 -8.84
C ILE A 151 13.51 -4.53 -10.26
N VAL A 152 12.73 -5.60 -10.41
CA VAL A 152 12.30 -6.01 -11.75
C VAL A 152 10.79 -5.68 -11.77
N ALA A 153 10.40 -4.82 -12.71
CA ALA A 153 9.04 -4.35 -12.78
C ALA A 153 8.29 -4.75 -14.05
N ASP A 154 6.99 -4.85 -13.85
CA ASP A 154 6.01 -5.25 -14.84
C ASP A 154 5.65 -4.06 -15.74
N GLY A 155 5.99 -4.14 -17.03
CA GLY A 155 5.62 -3.06 -17.95
C GLY A 155 4.36 -3.39 -18.73
N GLU A 156 3.67 -4.48 -18.39
CA GLU A 156 2.46 -4.91 -19.13
C GLU A 156 2.87 -4.97 -20.62
N ALA A 157 2.07 -4.38 -21.51
CA ALA A 157 2.45 -4.29 -22.94
C ALA A 157 2.69 -2.81 -23.24
N GLY A 158 3.07 -2.06 -22.20
CA GLY A 158 3.37 -0.65 -22.43
C GLY A 158 2.22 0.38 -22.53
N PHE A 159 0.97 -0.05 -22.35
CA PHE A 159 -0.19 0.86 -22.35
C PHE A 159 -0.38 1.64 -23.66
N GLY A 160 -0.25 0.93 -24.79
CA GLY A 160 -0.48 1.60 -26.04
C GLY A 160 0.52 1.19 -27.10
N GLY A 161 1.07 2.18 -27.81
CA GLY A 161 2.02 1.89 -28.86
C GLY A 161 3.48 2.01 -28.46
N ALA A 162 4.35 2.17 -29.44
CA ALA A 162 5.77 2.23 -29.13
C ALA A 162 6.13 3.45 -28.29
N LEU A 163 5.41 4.57 -28.46
CA LEU A 163 5.74 5.73 -27.67
C LEU A 163 5.26 5.57 -26.24
N ASN A 164 4.17 4.83 -26.03
CA ASN A 164 3.70 4.58 -24.66
C ASN A 164 4.73 3.64 -23.98
N VAL A 165 5.21 2.62 -24.70
CA VAL A 165 6.21 1.76 -24.06
C VAL A 165 7.47 2.59 -23.74
N TYR A 166 7.85 3.49 -24.65
CA TYR A 166 9.06 4.29 -24.45
C TYR A 166 8.95 5.11 -23.13
N GLU A 167 7.83 5.79 -22.98
CA GLU A 167 7.61 6.63 -21.81
C GLU A 167 7.51 5.82 -20.53
N LEU A 168 6.92 4.62 -20.59
CA LEU A 168 6.84 3.81 -19.37
C LEU A 168 8.29 3.37 -18.96
N GLN A 169 9.07 2.92 -19.94
CA GLN A 169 10.46 2.46 -19.64
C GLN A 169 11.22 3.67 -19.08
N LYS A 170 11.05 4.83 -19.70
CA LYS A 170 11.74 6.02 -19.19
C LYS A 170 11.34 6.35 -17.74
N ALA A 171 10.06 6.25 -17.45
CA ALA A 171 9.58 6.55 -16.10
C ALA A 171 10.06 5.50 -15.06
N LEU A 172 10.07 4.25 -15.47
CA LEU A 172 10.59 3.16 -14.62
C LEU A 172 12.07 3.46 -14.29
N ILE A 173 12.86 3.83 -15.29
CA ILE A 173 14.27 4.15 -15.04
C ILE A 173 14.42 5.36 -14.12
N ALA A 174 13.63 6.41 -14.37
CA ALA A 174 13.72 7.58 -13.49
C ALA A 174 13.49 7.19 -12.01
N ALA A 175 12.57 6.28 -11.79
CA ALA A 175 12.20 5.82 -10.46
C ALA A 175 13.26 4.85 -9.90
N GLY A 176 14.18 4.38 -10.73
CA GLY A 176 15.26 3.50 -10.25
C GLY A 176 15.10 2.02 -10.51
N VAL A 177 14.37 1.65 -11.56
CA VAL A 177 14.17 0.23 -11.86
C VAL A 177 15.47 -0.42 -12.36
N ALA A 178 15.62 -1.73 -12.15
CA ALA A 178 16.83 -2.48 -12.60
C ALA A 178 16.49 -3.24 -13.89
N GLY A 179 15.24 -3.70 -14.00
CA GLY A 179 14.81 -4.41 -15.18
C GLY A 179 13.29 -4.30 -15.37
N SER A 180 12.82 -4.56 -16.58
CA SER A 180 11.38 -4.47 -16.85
C SER A 180 10.98 -5.51 -17.86
N HIS A 181 9.74 -6.02 -17.73
CA HIS A 181 9.27 -7.04 -18.66
C HIS A 181 8.13 -6.50 -19.49
N TRP A 182 8.06 -7.00 -20.73
CA TRP A 182 7.12 -6.52 -21.75
C TRP A 182 6.51 -7.73 -22.44
N GLU A 183 5.18 -7.74 -22.60
CA GLU A 183 4.50 -8.90 -23.18
C GLU A 183 3.81 -8.57 -24.50
N ASP A 184 3.54 -9.64 -25.27
CA ASP A 184 2.99 -9.53 -26.61
C ASP A 184 1.48 -9.70 -26.79
N GLN A 185 0.70 -9.16 -25.87
CA GLN A 185 -0.73 -9.24 -26.01
C GLN A 185 -1.39 -7.86 -25.96
N LEU A 186 -2.67 -7.80 -26.35
CA LEU A 186 -3.44 -6.55 -26.27
C LEU A 186 -4.52 -6.85 -25.21
N ALA A 187 -4.14 -6.70 -23.93
CA ALA A 187 -5.07 -7.01 -22.83
C ALA A 187 -6.40 -6.28 -22.93
N SER A 188 -6.40 -5.03 -23.39
CA SER A 188 -7.66 -4.29 -23.48
C SER A 188 -8.69 -4.86 -24.45
N GLU A 189 -8.33 -5.89 -25.20
CA GLU A 189 -9.27 -6.48 -26.13
C GLU A 189 -9.52 -7.95 -25.78
N LYS A 190 -9.06 -8.37 -24.61
CA LYS A 190 -9.28 -9.73 -24.16
C LYS A 190 -10.78 -10.06 -24.24
N LYS A 191 -11.10 -11.16 -24.90
CA LYS A 191 -12.50 -11.56 -25.04
C LYS A 191 -12.94 -12.52 -23.95
N CYS A 192 -14.06 -12.18 -23.31
CA CYS A 192 -14.64 -13.01 -22.25
C CYS A 192 -15.48 -14.15 -22.81
N GLY A 193 -15.59 -15.18 -22.00
CA GLY A 193 -16.42 -16.32 -22.32
C GLY A 193 -16.05 -17.23 -23.47
N HIS A 194 -17.03 -18.04 -23.85
CA HIS A 194 -16.92 -19.01 -24.91
C HIS A 194 -16.21 -18.49 -26.17
N LEU A 195 -15.17 -19.22 -26.56
CA LEU A 195 -14.35 -18.91 -27.72
C LEU A 195 -13.56 -17.58 -27.62
N GLY A 196 -13.47 -17.04 -26.40
CA GLY A 196 -12.74 -15.81 -26.18
C GLY A 196 -11.28 -16.11 -25.83
N GLY A 197 -10.66 -15.25 -25.04
CA GLY A 197 -9.27 -15.43 -24.63
C GLY A 197 -8.39 -14.21 -24.91
N LYS A 198 -7.11 -14.32 -24.56
CA LYS A 198 -6.14 -13.25 -24.78
C LYS A 198 -5.89 -13.08 -26.30
N VAL A 199 -5.55 -11.85 -26.67
CA VAL A 199 -5.28 -11.49 -28.07
C VAL A 199 -3.80 -11.09 -28.21
N LEU A 200 -3.08 -11.82 -29.04
CA LEU A 200 -1.68 -11.48 -29.25
C LEU A 200 -1.53 -10.37 -30.28
N ILE A 201 -0.35 -9.74 -30.29
CA ILE A 201 -0.07 -8.77 -31.35
C ILE A 201 0.98 -9.49 -32.23
N PRO A 202 1.23 -8.95 -33.43
CA PRO A 202 2.23 -9.60 -34.32
C PRO A 202 3.63 -9.68 -33.74
N THR A 203 4.39 -10.70 -34.16
CA THR A 203 5.77 -10.82 -33.68
C THR A 203 6.57 -9.52 -33.90
N GLN A 204 6.41 -8.91 -35.08
CA GLN A 204 7.16 -7.68 -35.34
C GLN A 204 6.75 -6.52 -34.40
N GLN A 205 5.49 -6.48 -34.01
CA GLN A 205 5.07 -5.41 -33.10
C GLN A 205 5.74 -5.62 -31.74
N HIS A 206 5.89 -6.86 -31.29
CA HIS A 206 6.55 -7.03 -30.00
C HIS A 206 8.04 -6.69 -30.08
N ILE A 207 8.67 -6.93 -31.24
CA ILE A 207 10.07 -6.57 -31.44
C ILE A 207 10.14 -5.04 -31.38
N ARG A 208 9.15 -4.37 -31.94
CA ARG A 208 9.09 -2.89 -31.84
C ARG A 208 9.05 -2.52 -30.35
N THR A 209 8.17 -3.19 -29.59
CA THR A 209 8.10 -2.90 -28.14
C THR A 209 9.46 -3.07 -27.45
N LEU A 210 10.10 -4.22 -27.67
CA LEU A 210 11.40 -4.50 -27.05
C LEU A 210 12.46 -3.50 -27.52
N THR A 211 12.38 -3.09 -28.77
CA THR A 211 13.36 -2.16 -29.33
C THR A 211 13.14 -0.77 -28.70
N SER A 212 11.87 -0.41 -28.51
CA SER A 212 11.53 0.86 -27.87
C SER A 212 11.96 0.84 -26.39
N ALA A 213 11.79 -0.27 -25.66
CA ALA A 213 12.25 -0.31 -24.26
C ALA A 213 13.79 -0.18 -24.17
N ARG A 214 14.51 -0.80 -25.09
CA ARG A 214 15.96 -0.72 -25.13
C ARG A 214 16.39 0.70 -25.50
N LEU A 215 15.72 1.29 -26.50
CA LEU A 215 16.03 2.66 -26.88
C LEU A 215 15.89 3.64 -25.69
N ALA A 216 14.77 3.54 -24.95
CA ALA A 216 14.57 4.45 -23.81
C ALA A 216 15.71 4.24 -22.77
N ALA A 217 16.12 2.98 -22.57
CA ALA A 217 17.22 2.69 -21.61
C ALA A 217 18.53 3.32 -22.13
N ASP A 218 18.77 3.20 -23.43
CA ASP A 218 19.97 3.77 -24.04
C ASP A 218 19.94 5.30 -23.95
N VAL A 219 18.80 5.91 -24.26
CA VAL A 219 18.74 7.36 -24.17
C VAL A 219 18.98 7.84 -22.72
N ALA A 220 18.48 7.06 -21.75
CA ALA A 220 18.63 7.38 -20.35
C ALA A 220 20.00 6.94 -19.84
N ASP A 221 20.82 6.35 -20.72
CA ASP A 221 22.20 5.94 -20.39
C ASP A 221 22.32 4.93 -19.23
N VAL A 222 21.44 3.92 -19.18
CA VAL A 222 21.55 2.91 -18.13
C VAL A 222 21.38 1.56 -18.80
N PRO A 223 22.05 0.52 -18.26
CA PRO A 223 21.97 -0.83 -18.85
C PRO A 223 20.81 -1.70 -18.34
N THR A 224 19.62 -1.11 -18.39
CA THR A 224 18.43 -1.80 -17.88
C THR A 224 18.28 -3.21 -18.41
N VAL A 225 17.89 -4.17 -17.56
CA VAL A 225 17.68 -5.54 -18.03
C VAL A 225 16.29 -5.59 -18.71
N VAL A 226 16.23 -6.03 -19.96
CA VAL A 226 14.96 -6.07 -20.70
C VAL A 226 14.49 -7.50 -20.82
N ILE A 227 13.27 -7.77 -20.35
CA ILE A 227 12.71 -9.12 -20.38
C ILE A 227 11.53 -9.18 -21.32
N ALA A 228 11.49 -10.21 -22.17
CA ALA A 228 10.39 -10.39 -23.11
C ALA A 228 9.49 -11.51 -22.63
N ARG A 229 8.18 -11.24 -22.58
CA ARG A 229 7.25 -12.29 -22.17
C ARG A 229 6.32 -12.59 -23.35
N THR A 230 6.06 -13.86 -23.58
CA THR A 230 5.12 -14.21 -24.62
C THR A 230 3.90 -14.83 -23.95
N ASP A 231 2.73 -14.47 -24.44
CA ASP A 231 1.46 -14.99 -23.92
C ASP A 231 0.85 -15.98 -24.90
N ALA A 232 1.69 -16.54 -25.77
CA ALA A 232 1.16 -17.44 -26.79
C ALA A 232 0.77 -18.84 -26.30
N GLU A 233 1.11 -19.21 -25.07
CA GLU A 233 0.71 -20.54 -24.62
C GLU A 233 -0.80 -20.68 -24.60
N ALA A 234 -1.50 -19.69 -24.07
CA ALA A 234 -2.97 -19.73 -23.97
C ALA A 234 -3.74 -18.83 -24.95
N ALA A 235 -3.12 -17.78 -25.46
CA ALA A 235 -3.85 -16.88 -26.36
C ALA A 235 -4.43 -17.62 -27.58
N THR A 236 -5.67 -17.29 -27.92
CA THR A 236 -6.36 -17.95 -29.02
C THR A 236 -6.61 -16.99 -30.18
N LEU A 237 -6.22 -15.73 -30.00
CA LEU A 237 -6.46 -14.73 -31.02
C LEU A 237 -5.21 -13.90 -31.25
N ILE A 238 -5.15 -13.25 -32.41
CA ILE A 238 -4.03 -12.36 -32.75
C ILE A 238 -4.65 -11.23 -33.58
N THR A 239 -4.18 -10.00 -33.37
CA THR A 239 -4.75 -8.85 -34.06
C THR A 239 -4.63 -8.88 -35.57
N SER A 240 -3.58 -9.51 -36.09
CA SER A 240 -3.34 -9.53 -37.53
C SER A 240 -2.50 -10.72 -37.94
N ASP A 241 -2.67 -11.16 -39.19
CA ASP A 241 -1.87 -12.26 -39.73
C ASP A 241 -0.78 -11.69 -40.68
N VAL A 242 -0.52 -10.39 -40.54
CA VAL A 242 0.45 -9.72 -41.41
C VAL A 242 1.92 -10.17 -41.33
N ASP A 243 2.34 -10.70 -40.18
CA ASP A 243 3.73 -11.14 -40.01
C ASP A 243 3.83 -12.61 -40.44
N GLU A 244 4.62 -12.91 -41.46
CA GLU A 244 4.75 -14.28 -41.93
C GLU A 244 5.23 -15.26 -40.84
N ARG A 245 5.93 -14.76 -39.81
CA ARG A 245 6.35 -15.65 -38.73
C ARG A 245 5.14 -16.09 -37.90
N ASP A 246 4.02 -15.37 -37.97
CA ASP A 246 2.84 -15.79 -37.20
C ASP A 246 1.89 -16.67 -38.03
N GLN A 247 2.04 -16.59 -39.35
CA GLN A 247 1.19 -17.35 -40.26
C GLN A 247 1.10 -18.87 -40.05
N PRO A 248 2.18 -19.52 -39.61
CA PRO A 248 2.05 -20.96 -39.42
C PRO A 248 0.99 -21.32 -38.37
N PHE A 249 0.59 -20.35 -37.55
CA PHE A 249 -0.39 -20.64 -36.50
C PHE A 249 -1.81 -20.10 -36.75
N ILE A 250 -1.95 -19.30 -37.79
CA ILE A 250 -3.22 -18.69 -38.18
C ILE A 250 -4.10 -19.81 -38.67
N THR A 251 -5.36 -19.86 -38.22
CA THR A 251 -6.28 -20.93 -38.61
C THR A 251 -7.02 -20.58 -39.88
N GLY A 252 -7.10 -19.29 -40.18
CA GLY A 252 -7.82 -18.87 -41.37
C GLY A 252 -9.17 -18.27 -41.01
N GLU A 253 -9.58 -18.42 -39.75
CA GLU A 253 -10.85 -17.87 -39.29
C GLU A 253 -10.61 -16.47 -38.72
N ARG A 254 -11.52 -15.54 -39.00
CA ARG A 254 -11.41 -14.19 -38.43
C ARG A 254 -12.74 -13.92 -37.71
N THR A 255 -12.68 -13.42 -36.48
CA THR A 255 -13.87 -13.18 -35.66
C THR A 255 -14.68 -11.96 -36.03
N ARG A 256 -15.84 -11.82 -35.42
CA ARG A 256 -16.73 -10.70 -35.67
C ARG A 256 -16.05 -9.36 -35.29
N GLU A 257 -15.06 -9.41 -34.43
CA GLU A 257 -14.32 -8.20 -34.05
C GLU A 257 -13.07 -7.99 -34.91
N GLY A 258 -12.85 -8.89 -35.86
CA GLY A 258 -11.69 -8.78 -36.75
C GLY A 258 -10.39 -9.40 -36.26
N PHE A 259 -10.43 -10.19 -35.20
CA PHE A 259 -9.20 -10.83 -34.73
C PHE A 259 -9.06 -12.18 -35.41
N TYR A 260 -7.82 -12.65 -35.55
CA TYR A 260 -7.54 -13.91 -36.24
C TYR A 260 -7.38 -15.02 -35.22
N ARG A 261 -8.05 -16.14 -35.49
CA ARG A 261 -7.93 -17.29 -34.63
C ARG A 261 -6.54 -17.86 -34.88
N THR A 262 -5.86 -18.25 -33.81
CA THR A 262 -4.51 -18.75 -33.92
C THR A 262 -4.24 -19.93 -32.99
N LYS A 263 -3.46 -20.89 -33.48
CA LYS A 263 -3.11 -22.11 -32.75
C LYS A 263 -2.18 -21.76 -31.59
N ASN A 264 -2.58 -22.12 -30.38
CA ASN A 264 -1.79 -21.80 -29.18
C ASN A 264 -0.94 -22.97 -28.69
N GLY A 265 -0.24 -22.79 -27.58
CA GLY A 265 0.57 -23.88 -27.07
C GLY A 265 2.05 -23.56 -27.03
N ILE A 266 2.84 -24.56 -26.69
CA ILE A 266 4.26 -24.34 -26.58
C ILE A 266 4.98 -24.03 -27.92
N GLU A 267 4.43 -24.50 -29.03
CA GLU A 267 5.04 -24.28 -30.33
C GLU A 267 5.18 -22.78 -30.67
N PRO A 268 4.06 -22.01 -30.66
CA PRO A 268 4.21 -20.59 -30.98
C PRO A 268 5.08 -19.86 -29.91
N CYS A 269 5.03 -20.34 -28.66
CA CYS A 269 5.88 -19.75 -27.62
C CYS A 269 7.36 -19.90 -27.97
N ILE A 270 7.74 -21.08 -28.44
CA ILE A 270 9.12 -21.34 -28.82
C ILE A 270 9.51 -20.47 -30.01
N ALA A 271 8.66 -20.39 -31.02
CA ALA A 271 8.98 -19.55 -32.19
C ALA A 271 9.11 -18.07 -31.77
N ARG A 272 8.17 -17.59 -30.96
CA ARG A 272 8.23 -16.18 -30.53
C ARG A 272 9.49 -15.92 -29.71
N ALA A 273 9.79 -16.84 -28.81
CA ALA A 273 10.97 -16.72 -27.96
C ALA A 273 12.23 -16.56 -28.82
N LYS A 274 12.33 -17.36 -29.90
CA LYS A 274 13.50 -17.29 -30.76
C LYS A 274 13.52 -15.96 -31.52
N ALA A 275 12.37 -15.51 -31.99
CA ALA A 275 12.33 -14.21 -32.67
C ALA A 275 12.66 -13.07 -31.69
N TYR A 276 12.32 -13.23 -30.42
CA TYR A 276 12.58 -12.17 -29.42
C TYR A 276 14.00 -12.17 -28.82
N ALA A 277 14.68 -13.32 -28.88
CA ALA A 277 15.99 -13.48 -28.26
C ALA A 277 17.02 -12.38 -28.51
N PRO A 278 17.15 -11.93 -29.75
CA PRO A 278 18.13 -10.87 -30.06
C PRO A 278 17.75 -9.52 -29.43
N PHE A 279 16.51 -9.42 -28.92
CA PHE A 279 16.00 -8.16 -28.36
C PHE A 279 15.67 -8.21 -26.87
N ALA A 280 16.03 -9.31 -26.22
CA ALA A 280 15.72 -9.47 -24.81
C ALA A 280 16.85 -10.08 -24.00
N ASP A 281 17.09 -9.54 -22.81
CA ASP A 281 18.11 -10.10 -21.95
C ASP A 281 17.60 -11.40 -21.33
N LEU A 282 16.29 -11.51 -21.13
CA LEU A 282 15.70 -12.74 -20.60
C LEU A 282 14.37 -12.94 -21.28
N ILE A 283 13.96 -14.20 -21.42
CA ILE A 283 12.68 -14.50 -22.06
C ILE A 283 11.83 -15.31 -21.11
N TRP A 284 10.53 -15.02 -21.09
CA TRP A 284 9.57 -15.67 -20.24
C TRP A 284 8.32 -16.12 -21.00
N MET A 285 8.01 -17.40 -20.88
CA MET A 285 6.85 -18.00 -21.48
C MET A 285 5.79 -18.01 -20.38
N GLU A 286 4.75 -17.20 -20.52
CA GLU A 286 3.70 -17.15 -19.49
C GLU A 286 3.05 -18.54 -19.50
N THR A 287 2.85 -19.14 -18.33
CA THR A 287 2.25 -20.47 -18.28
C THR A 287 1.30 -20.63 -17.10
N GLY A 288 0.21 -21.36 -17.32
CA GLY A 288 -0.75 -21.52 -16.23
C GLY A 288 -0.41 -22.66 -15.28
N THR A 289 0.24 -23.68 -15.82
CA THR A 289 0.57 -24.85 -15.03
C THR A 289 2.03 -25.13 -14.82
N PRO A 290 2.52 -24.98 -13.59
CA PRO A 290 3.96 -25.28 -13.39
C PRO A 290 4.18 -26.73 -13.79
N ASP A 291 5.18 -26.95 -14.63
CA ASP A 291 5.45 -28.28 -15.14
C ASP A 291 6.89 -28.31 -15.57
N LEU A 292 7.73 -29.03 -14.82
CA LEU A 292 9.16 -29.13 -15.12
C LEU A 292 9.45 -29.66 -16.52
N GLU A 293 8.66 -30.61 -16.99
CA GLU A 293 8.88 -31.15 -18.34
C GLU A 293 8.61 -30.11 -19.42
N ALA A 294 7.48 -29.42 -19.29
CA ALA A 294 7.15 -28.37 -20.28
C ALA A 294 8.23 -27.29 -20.24
N ALA A 295 8.67 -26.94 -19.04
CA ALA A 295 9.74 -25.93 -18.90
C ALA A 295 11.02 -26.40 -19.62
N ARG A 296 11.32 -27.69 -19.48
CA ARG A 296 12.53 -28.25 -20.10
C ARG A 296 12.38 -28.20 -21.60
N GLN A 297 11.19 -28.53 -22.09
CA GLN A 297 10.97 -28.52 -23.53
C GLN A 297 11.16 -27.09 -24.11
N PHE A 298 10.64 -26.10 -23.42
CA PHE A 298 10.75 -24.71 -23.88
C PHE A 298 12.23 -24.29 -23.82
N SER A 299 12.84 -24.54 -22.68
CA SER A 299 14.23 -24.18 -22.46
C SER A 299 15.17 -24.78 -23.51
N GLU A 300 15.05 -26.08 -23.71
CA GLU A 300 15.94 -26.75 -24.67
C GLU A 300 15.69 -26.29 -26.10
N ALA A 301 14.43 -26.07 -26.46
CA ALA A 301 14.11 -25.62 -27.81
C ALA A 301 14.73 -24.24 -28.11
N VAL A 302 14.65 -23.32 -27.14
CA VAL A 302 15.23 -21.98 -27.31
C VAL A 302 16.78 -22.05 -27.23
N LYS A 303 17.31 -22.81 -26.29
CA LYS A 303 18.75 -22.85 -26.16
C LYS A 303 19.44 -23.59 -27.32
N ALA A 304 18.69 -24.41 -28.06
CA ALA A 304 19.24 -25.12 -29.23
C ALA A 304 19.63 -24.07 -30.28
N GLU A 305 18.94 -22.93 -30.22
CA GLU A 305 19.16 -21.84 -31.15
C GLU A 305 20.04 -20.78 -30.50
N TYR A 306 19.77 -20.50 -29.22
CA TYR A 306 20.50 -19.47 -28.46
C TYR A 306 20.96 -20.07 -27.16
N PRO A 307 22.04 -20.86 -27.21
CA PRO A 307 22.59 -21.51 -26.02
C PRO A 307 22.77 -20.66 -24.78
N ASP A 308 23.16 -19.40 -24.96
CA ASP A 308 23.39 -18.57 -23.79
C ASP A 308 22.18 -17.72 -23.36
N GLN A 309 21.03 -17.94 -24.00
CA GLN A 309 19.85 -17.15 -23.64
C GLN A 309 19.32 -17.46 -22.23
N MET A 310 19.34 -16.47 -21.33
CA MET A 310 18.78 -16.70 -19.98
C MET A 310 17.26 -16.57 -20.08
N LEU A 311 16.57 -17.27 -19.19
CA LEU A 311 15.12 -17.29 -19.21
C LEU A 311 14.61 -16.89 -17.83
N ALA A 312 13.35 -16.47 -17.78
CA ALA A 312 12.71 -16.08 -16.51
C ALA A 312 11.48 -16.97 -16.37
N TYR A 313 11.07 -17.25 -15.13
CA TYR A 313 9.94 -18.13 -14.93
C TYR A 313 9.07 -17.67 -13.75
N ASN A 314 7.76 -17.54 -13.95
CA ASN A 314 6.86 -17.17 -12.84
C ASN A 314 6.29 -18.48 -12.30
N CYS A 315 6.42 -18.67 -11.00
CA CYS A 315 5.86 -19.86 -10.36
C CYS A 315 4.45 -19.48 -9.96
N SER A 316 3.48 -20.07 -10.67
CA SER A 316 2.06 -19.75 -10.48
C SER A 316 1.52 -19.67 -9.06
N PRO A 317 1.01 -18.48 -8.66
CA PRO A 317 0.48 -18.32 -7.31
C PRO A 317 -0.89 -18.96 -7.13
N SER A 318 -1.60 -19.16 -8.24
CA SER A 318 -2.94 -19.72 -8.19
C SER A 318 -3.03 -21.24 -8.35
N PHE A 319 -2.01 -21.83 -8.96
CA PHE A 319 -1.95 -23.27 -9.15
C PHE A 319 -2.00 -23.92 -7.77
N ASN A 320 -2.82 -24.96 -7.61
CA ASN A 320 -2.95 -25.69 -6.34
C ASN A 320 -1.74 -26.65 -6.28
N TRP A 321 -0.64 -26.15 -5.75
CA TRP A 321 0.58 -26.94 -5.74
C TRP A 321 0.51 -28.31 -5.07
N LYS A 322 0.12 -28.35 -3.81
CA LYS A 322 0.08 -29.60 -3.08
C LYS A 322 -0.92 -30.61 -3.65
N LYS A 323 -1.96 -30.13 -4.33
CA LYS A 323 -2.93 -31.03 -4.92
C LYS A 323 -2.34 -31.78 -6.11
N HIS A 324 -1.47 -31.10 -6.84
CA HIS A 324 -0.89 -31.69 -8.02
C HIS A 324 0.54 -32.17 -7.94
N LEU A 325 1.30 -31.69 -6.96
CA LEU A 325 2.69 -32.12 -6.89
C LEU A 325 2.99 -32.61 -5.49
N ASP A 326 3.97 -33.50 -5.39
CA ASP A 326 4.36 -34.01 -4.08
C ASP A 326 5.31 -33.01 -3.48
N ASP A 327 5.50 -33.13 -2.18
CA ASP A 327 6.38 -32.21 -1.50
C ASP A 327 7.79 -32.21 -2.04
N ALA A 328 8.26 -33.37 -2.51
CA ALA A 328 9.62 -33.42 -3.04
C ALA A 328 9.73 -32.60 -4.31
N THR A 329 8.75 -32.73 -5.20
CA THR A 329 8.79 -32.00 -6.45
C THR A 329 8.68 -30.49 -6.19
N ILE A 330 7.88 -30.12 -5.20
CA ILE A 330 7.70 -28.71 -4.81
C ILE A 330 9.00 -28.18 -4.25
N ALA A 331 9.66 -29.00 -3.43
CA ALA A 331 10.90 -28.58 -2.82
C ALA A 331 12.05 -28.36 -3.80
N LYS A 332 12.09 -29.14 -4.87
CA LYS A 332 13.17 -29.03 -5.84
C LYS A 332 12.84 -28.15 -7.08
N PHE A 333 11.57 -27.77 -7.21
CA PHE A 333 11.11 -27.03 -8.38
C PHE A 333 12.01 -25.89 -8.90
N GLN A 334 12.31 -24.87 -8.09
CA GLN A 334 13.16 -23.78 -8.58
C GLN A 334 14.63 -24.23 -8.91
N LYS A 335 15.16 -25.10 -8.08
CA LYS A 335 16.52 -25.60 -8.28
C LYS A 335 16.58 -26.25 -9.67
N GLU A 336 15.60 -27.08 -9.93
CA GLU A 336 15.51 -27.79 -11.18
C GLU A 336 15.39 -26.80 -12.35
N LEU A 337 14.54 -25.80 -12.19
CA LEU A 337 14.37 -24.79 -13.24
C LEU A 337 15.68 -24.05 -13.47
N ALA A 338 16.38 -23.73 -12.39
CA ALA A 338 17.62 -22.98 -12.53
C ALA A 338 18.63 -23.72 -13.41
N ALA A 339 18.62 -25.03 -13.30
CA ALA A 339 19.53 -25.88 -14.06
C ALA A 339 19.18 -25.86 -15.54
N MET A 340 17.92 -25.53 -15.85
CA MET A 340 17.48 -25.43 -17.24
C MET A 340 17.78 -24.05 -17.82
N GLY A 341 18.25 -23.12 -17.00
CA GLY A 341 18.54 -21.80 -17.53
C GLY A 341 17.53 -20.71 -17.11
N PHE A 342 16.57 -21.04 -16.26
CA PHE A 342 15.61 -20.04 -15.78
C PHE A 342 16.34 -19.37 -14.62
N LYS A 343 17.08 -18.30 -14.95
CA LYS A 343 17.89 -17.59 -13.97
C LYS A 343 17.16 -16.57 -13.12
N PHE A 344 15.98 -16.13 -13.58
CA PHE A 344 15.18 -15.20 -12.78
C PHE A 344 13.82 -15.87 -12.56
N GLN A 345 13.51 -16.11 -11.28
CA GLN A 345 12.28 -16.79 -10.91
C GLN A 345 11.51 -15.99 -9.86
N PHE A 346 10.19 -16.00 -9.96
CA PHE A 346 9.44 -15.21 -9.02
C PHE A 346 8.03 -15.72 -8.80
N ILE A 347 7.37 -15.18 -7.77
CA ILE A 347 5.97 -15.52 -7.56
C ILE A 347 5.28 -14.14 -7.65
N THR A 348 4.59 -13.92 -8.76
CA THR A 348 3.95 -12.63 -8.97
C THR A 348 3.08 -12.09 -7.84
N LEU A 349 2.14 -12.90 -7.35
CA LEU A 349 1.21 -12.40 -6.35
C LEU A 349 1.47 -12.72 -4.87
N ALA A 350 2.73 -12.99 -4.55
CA ALA A 350 3.11 -13.29 -3.19
C ALA A 350 2.61 -12.23 -2.18
N GLY A 351 2.80 -10.95 -2.53
CA GLY A 351 2.37 -9.86 -1.65
C GLY A 351 0.87 -9.79 -1.47
N PHE A 352 0.14 -9.92 -2.57
CA PHE A 352 -1.32 -9.88 -2.49
C PHE A 352 -1.80 -10.98 -1.51
N HIS A 353 -1.27 -12.17 -1.64
CA HIS A 353 -1.70 -13.27 -0.79
C HIS A 353 -1.25 -13.08 0.67
N ALA A 354 0.00 -12.71 0.88
CA ALA A 354 0.44 -12.50 2.26
C ALA A 354 -0.40 -11.40 2.94
N LEU A 355 -0.57 -10.27 2.25
CA LEU A 355 -1.35 -9.15 2.80
C LEU A 355 -2.82 -9.51 3.05
N ASN A 356 -3.46 -10.10 2.05
CA ASN A 356 -4.87 -10.42 2.24
C ASN A 356 -5.10 -11.51 3.32
N TYR A 357 -4.27 -12.55 3.27
CA TYR A 357 -4.43 -13.64 4.24
C TYR A 357 -4.11 -13.17 5.65
N SER A 358 -2.96 -12.55 5.85
CA SER A 358 -2.64 -12.15 7.21
C SER A 358 -3.69 -11.18 7.79
N MET A 359 -4.27 -10.27 6.98
CA MET A 359 -5.25 -9.39 7.59
C MET A 359 -6.57 -10.15 7.82
N PHE A 360 -6.96 -11.03 6.92
CA PHE A 360 -8.20 -11.76 7.18
C PHE A 360 -8.09 -12.57 8.50
N ASP A 361 -6.98 -13.28 8.64
CA ASP A 361 -6.75 -14.12 9.83
C ASP A 361 -6.77 -13.29 11.12
N LEU A 362 -6.04 -12.18 11.14
CA LEU A 362 -6.00 -11.33 12.32
C LEU A 362 -7.39 -10.72 12.58
N ALA A 363 -8.00 -10.14 11.55
CA ALA A 363 -9.32 -9.52 11.74
C ALA A 363 -10.40 -10.54 12.21
N TYR A 364 -10.36 -11.74 11.65
CA TYR A 364 -11.35 -12.76 12.04
C TYR A 364 -11.20 -13.12 13.53
N GLY A 365 -9.97 -13.36 13.95
CA GLY A 365 -9.70 -13.66 15.36
C GLY A 365 -10.12 -12.45 16.20
N TYR A 366 -9.79 -11.26 15.74
CA TYR A 366 -10.12 -10.03 16.48
C TYR A 366 -11.64 -9.83 16.64
N ALA A 367 -12.39 -10.05 15.56
CA ALA A 367 -13.86 -9.94 15.64
C ALA A 367 -14.42 -10.90 16.69
N GLN A 368 -13.79 -12.06 16.82
CA GLN A 368 -14.22 -13.08 17.74
C GLN A 368 -13.74 -12.91 19.16
N ASN A 369 -12.42 -12.72 19.32
CA ASN A 369 -11.78 -12.65 20.63
C ASN A 369 -10.92 -11.42 20.94
N GLN A 370 -11.13 -10.34 20.21
CA GLN A 370 -10.38 -9.12 20.43
C GLN A 370 -8.87 -9.23 20.68
N MET A 371 -8.38 -8.71 21.78
CA MET A 371 -6.92 -8.72 21.97
C MET A 371 -6.20 -10.08 21.91
N SER A 372 -6.90 -11.17 22.19
CA SER A 372 -6.30 -12.49 22.14
C SER A 372 -5.75 -12.80 20.76
N ALA A 373 -6.46 -12.36 19.72
CA ALA A 373 -6.05 -12.57 18.35
C ALA A 373 -4.78 -11.79 18.03
N TYR A 374 -4.73 -10.53 18.47
CA TYR A 374 -3.54 -9.72 18.20
C TYR A 374 -2.30 -10.29 18.89
N VAL A 375 -2.48 -10.77 20.13
CA VAL A 375 -1.37 -11.34 20.89
C VAL A 375 -0.78 -12.52 20.11
N GLU A 376 -1.62 -13.30 19.42
CA GLU A 376 -1.10 -14.41 18.64
C GLU A 376 -0.13 -13.95 17.55
N LEU A 377 -0.45 -12.84 16.89
CA LEU A 377 0.43 -12.32 15.85
C LEU A 377 1.69 -11.74 16.52
N GLN A 378 1.50 -11.02 17.62
CA GLN A 378 2.65 -10.42 18.28
C GLN A 378 3.67 -11.49 18.72
N GLU A 379 3.17 -12.62 19.23
CA GLU A 379 4.05 -13.71 19.66
C GLU A 379 4.82 -14.24 18.47
N ARG A 380 4.18 -14.34 17.30
CA ARG A 380 4.93 -14.83 16.13
C ARG A 380 6.02 -13.84 15.75
N GLU A 381 5.74 -12.55 15.92
CA GLU A 381 6.74 -11.52 15.59
C GLU A 381 7.90 -11.60 16.58
N PHE A 382 7.61 -11.79 17.85
CA PHE A 382 8.69 -11.91 18.82
C PHE A 382 9.56 -13.10 18.44
N ALA A 383 8.92 -14.20 18.04
CA ALA A 383 9.69 -15.38 17.68
C ALA A 383 10.53 -15.14 16.43
N ALA A 384 10.03 -14.33 15.50
CA ALA A 384 10.77 -14.08 14.26
C ALA A 384 12.02 -13.21 14.47
N GLU A 385 12.12 -12.54 15.62
CA GLU A 385 13.31 -11.71 15.85
C GLU A 385 14.57 -12.60 15.80
N GLU A 386 14.38 -13.88 16.14
CA GLU A 386 15.46 -14.84 16.12
C GLU A 386 15.98 -14.99 14.70
N ARG A 387 15.11 -14.85 13.71
CA ARG A 387 15.50 -14.99 12.31
C ARG A 387 15.95 -13.67 11.72
N GLY A 388 15.99 -12.61 12.54
CA GLY A 388 16.42 -11.31 12.06
C GLY A 388 15.30 -10.28 11.92
N TYR A 389 14.06 -10.68 12.14
CA TYR A 389 12.95 -9.73 12.03
C TYR A 389 13.15 -8.58 12.98
N THR A 390 12.95 -7.34 12.51
CA THR A 390 13.11 -6.17 13.36
C THR A 390 11.87 -5.27 13.54
N ALA A 391 10.80 -5.52 12.79
CA ALA A 391 9.64 -4.58 12.84
C ALA A 391 8.90 -4.49 14.17
N THR A 392 9.22 -5.38 15.11
CA THR A 392 8.64 -5.30 16.45
C THR A 392 9.17 -4.01 17.11
N LYS A 393 10.32 -3.50 16.66
CA LYS A 393 10.78 -2.22 17.18
C LYS A 393 10.24 -1.27 16.07
N HIS A 394 8.95 -0.96 16.18
CA HIS A 394 8.24 -0.19 15.17
C HIS A 394 8.74 1.22 14.90
N GLN A 395 9.07 1.96 15.94
CA GLN A 395 9.55 3.33 15.75
C GLN A 395 10.88 3.32 14.96
N ARG A 396 11.78 2.44 15.38
CA ARG A 396 13.06 2.30 14.72
C ARG A 396 12.88 1.89 13.24
N GLU A 397 11.97 0.94 13.01
CA GLU A 397 11.71 0.39 11.68
C GLU A 397 11.34 1.44 10.64
N VAL A 398 10.64 2.50 11.06
CA VAL A 398 10.24 3.53 10.12
C VAL A 398 11.12 4.78 10.17
N GLY A 399 12.26 4.68 10.86
CA GLY A 399 13.19 5.81 10.89
C GLY A 399 13.15 6.82 12.03
N ALA A 400 12.45 6.54 13.12
CA ALA A 400 12.44 7.51 14.21
C ALA A 400 13.85 7.84 14.67
N GLY A 401 14.75 6.85 14.66
CA GLY A 401 16.12 7.09 15.11
C GLY A 401 16.90 7.90 14.10
N TYR A 402 16.60 7.70 12.82
CA TYR A 402 17.27 8.42 11.77
C TYR A 402 16.83 9.88 11.86
N PHE A 403 15.52 10.14 11.99
CA PHE A 403 15.13 11.55 12.06
C PHE A 403 15.55 12.20 13.38
N ASP A 404 15.62 11.43 14.46
CA ASP A 404 16.12 12.01 15.72
C ASP A 404 17.56 12.44 15.47
N ARG A 405 18.30 11.68 14.68
CA ARG A 405 19.68 12.08 14.41
C ARG A 405 19.72 13.36 13.57
N ILE A 406 18.84 13.45 12.56
CA ILE A 406 18.83 14.68 11.75
C ILE A 406 18.51 15.85 12.71
N ALA A 407 17.56 15.65 13.61
CA ALA A 407 17.16 16.71 14.52
C ALA A 407 18.34 17.15 15.39
N THR A 408 19.09 16.17 15.84
CA THR A 408 20.25 16.42 16.70
C THR A 408 21.39 17.05 15.94
N THR A 409 21.52 16.68 14.67
CA THR A 409 22.57 17.23 13.84
C THR A 409 22.30 18.72 13.62
N VAL A 410 21.04 19.06 13.44
CA VAL A 410 20.64 20.44 13.22
C VAL A 410 20.76 21.29 14.48
N ASP A 411 20.50 20.68 15.63
CA ASP A 411 20.57 21.39 16.91
C ASP A 411 22.03 21.53 17.34
N PRO A 412 22.53 22.79 17.38
CA PRO A 412 23.92 23.00 17.78
C PRO A 412 24.18 22.73 19.29
N ASN A 413 23.12 22.78 20.10
CA ASN A 413 23.25 22.52 21.52
C ASN A 413 23.03 21.02 21.80
N SER A 414 23.13 20.23 20.74
CA SER A 414 22.98 18.79 20.86
C SER A 414 24.00 18.11 19.97
N SER A 415 24.80 17.25 20.58
CA SER A 415 25.83 16.52 19.88
C SER A 415 25.33 15.13 19.49
N THR A 416 25.82 14.64 18.36
CA THR A 416 25.46 13.34 17.82
C THR A 416 26.55 12.34 18.26
N THR A 417 26.17 11.10 18.52
CA THR A 417 27.18 10.11 18.90
C THR A 417 27.88 9.67 17.61
N ALA A 418 29.21 9.63 17.64
CA ALA A 418 30.00 9.24 16.47
C ALA A 418 29.64 7.81 16.09
N LEU A 419 29.54 7.56 14.78
CA LEU A 419 29.21 6.21 14.31
C LEU A 419 30.41 5.27 14.45
N ALA B 2 -32.19 28.84 -11.73
CA ALA B 2 -31.81 27.80 -12.74
C ALA B 2 -32.02 26.41 -12.11
N SER B 3 -30.90 25.76 -11.81
CA SER B 3 -30.93 24.43 -11.22
C SER B 3 -31.16 24.51 -9.72
N VAL B 4 -31.82 23.49 -9.17
CA VAL B 4 -32.00 23.43 -7.72
C VAL B 4 -31.03 22.36 -7.19
N VAL B 5 -30.24 21.74 -8.08
CA VAL B 5 -29.29 20.69 -7.65
C VAL B 5 -28.26 21.24 -6.65
N GLY B 6 -28.21 20.63 -5.47
CA GLY B 6 -27.28 21.06 -4.44
C GLY B 6 -27.57 22.41 -3.81
N THR B 7 -28.81 22.89 -3.89
CA THR B 7 -29.14 24.17 -3.27
C THR B 7 -28.94 24.06 -1.75
N PRO B 8 -28.25 25.04 -1.16
CA PRO B 8 -27.99 25.05 0.28
C PRO B 8 -29.26 25.10 1.12
N LYS B 9 -29.20 24.58 2.34
CA LYS B 9 -30.34 24.67 3.25
C LYS B 9 -30.30 26.09 3.79
N SER B 10 -31.43 26.56 4.34
CA SER B 10 -31.45 27.92 4.93
C SER B 10 -30.85 27.79 6.32
N ALA B 11 -30.44 28.92 6.88
CA ALA B 11 -29.91 28.98 8.22
C ALA B 11 -30.97 28.46 9.20
N GLU B 12 -32.23 28.82 8.93
CA GLU B 12 -33.30 28.37 9.84
C GLU B 12 -33.38 26.84 9.84
N GLN B 13 -33.30 26.22 8.67
CA GLN B 13 -33.38 24.76 8.62
C GLN B 13 -32.25 24.11 9.41
N ILE B 14 -31.05 24.64 9.23
CA ILE B 14 -29.87 24.14 9.93
C ILE B 14 -30.09 24.28 11.44
N GLN B 15 -30.49 25.49 11.89
CA GLN B 15 -30.75 25.73 13.33
C GLN B 15 -31.74 24.71 13.87
N GLN B 16 -32.78 24.44 13.10
CA GLN B 16 -33.80 23.49 13.51
C GLN B 16 -33.21 22.11 13.74
N GLU B 17 -32.30 21.68 12.85
CA GLU B 17 -31.66 20.36 13.00
C GLU B 17 -30.82 20.36 14.27
N TRP B 18 -30.05 21.43 14.47
CA TRP B 18 -29.22 21.51 15.66
C TRP B 18 -30.05 21.47 16.95
N ASP B 19 -31.21 22.13 16.90
CA ASP B 19 -32.09 22.20 18.06
C ASP B 19 -32.85 20.92 18.34
N THR B 20 -33.16 20.17 17.30
CA THR B 20 -33.97 18.98 17.51
C THR B 20 -33.41 17.61 17.30
N ASN B 21 -32.35 17.48 16.49
CA ASN B 21 -31.78 16.15 16.24
C ASN B 21 -30.93 15.75 17.45
N PRO B 22 -31.25 14.60 18.07
CA PRO B 22 -30.47 14.16 19.23
C PRO B 22 -28.98 13.96 18.92
N ARG B 23 -28.64 13.86 17.64
CA ARG B 23 -27.24 13.73 17.24
C ARG B 23 -26.44 14.93 17.81
N TRP B 24 -27.10 16.08 17.88
CA TRP B 24 -26.46 17.30 18.36
C TRP B 24 -26.63 17.68 19.84
N LYS B 25 -27.20 16.76 20.61
CA LYS B 25 -27.39 16.95 22.04
C LYS B 25 -26.02 17.17 22.73
N ASP B 26 -25.86 18.23 23.48
CA ASP B 26 -24.56 18.47 24.15
C ASP B 26 -23.39 18.80 23.21
N VAL B 27 -23.70 19.23 21.99
CA VAL B 27 -22.65 19.64 21.06
C VAL B 27 -22.65 21.15 21.02
N THR B 28 -21.57 21.75 21.50
CA THR B 28 -21.46 23.19 21.49
C THR B 28 -20.83 23.71 20.19
N ARG B 29 -21.47 24.71 19.57
CA ARG B 29 -20.91 25.34 18.37
C ARG B 29 -20.87 26.81 18.72
N THR B 30 -19.67 27.40 18.77
CA THR B 30 -19.52 28.82 19.08
C THR B 30 -19.73 29.76 17.89
N TYR B 31 -20.06 29.21 16.72
CA TYR B 31 -20.37 30.05 15.56
C TYR B 31 -21.84 29.77 15.34
N SER B 32 -22.47 30.51 14.44
CA SER B 32 -23.91 30.32 14.21
C SER B 32 -24.25 29.60 12.91
N ALA B 33 -25.54 29.28 12.76
CA ALA B 33 -26.05 28.63 11.55
C ALA B 33 -25.86 29.55 10.34
N GLU B 34 -25.99 30.87 10.54
CA GLU B 34 -25.83 31.81 9.44
C GLU B 34 -24.36 31.80 9.01
N ASP B 35 -23.46 31.66 10.00
CA ASP B 35 -22.03 31.62 9.72
C ASP B 35 -21.73 30.43 8.78
N VAL B 36 -22.35 29.29 9.04
CA VAL B 36 -22.18 28.10 8.19
C VAL B 36 -22.69 28.38 6.78
N VAL B 37 -23.94 28.81 6.67
CA VAL B 37 -24.49 29.09 5.36
C VAL B 37 -23.64 30.06 4.53
N ALA B 38 -23.11 31.11 5.18
CA ALA B 38 -22.31 32.09 4.47
C ALA B 38 -21.07 31.51 3.77
N LEU B 39 -20.58 30.37 4.29
CA LEU B 39 -19.40 29.72 3.75
C LEU B 39 -19.69 28.68 2.69
N GLN B 40 -20.97 28.41 2.45
CA GLN B 40 -21.36 27.39 1.49
C GLN B 40 -21.49 27.78 0.02
N GLY B 41 -21.25 29.05 -0.33
CA GLY B 41 -21.40 29.36 -1.74
C GLY B 41 -22.83 29.07 -2.17
N SER B 42 -23.06 28.84 -3.45
CA SER B 42 -24.45 28.61 -3.84
C SER B 42 -24.81 27.20 -4.22
N VAL B 43 -23.87 26.27 -4.04
CA VAL B 43 -24.12 24.86 -4.34
C VAL B 43 -23.35 24.03 -3.31
N VAL B 44 -24.00 23.08 -2.68
CA VAL B 44 -23.30 22.25 -1.71
C VAL B 44 -23.17 20.85 -2.32
N GLU B 45 -21.94 20.37 -2.53
CA GLU B 45 -21.79 19.01 -3.07
C GLU B 45 -22.26 18.05 -2.02
N GLU B 46 -22.97 17.00 -2.44
CA GLU B 46 -23.40 15.97 -1.52
C GLU B 46 -22.20 15.04 -1.36
N HIS B 47 -21.92 14.57 -0.14
CA HIS B 47 -20.83 13.63 0.12
C HIS B 47 -21.48 12.36 0.69
N THR B 48 -22.00 11.54 -0.20
CA THR B 48 -22.74 10.33 0.18
C THR B 48 -22.03 9.41 1.17
N LEU B 49 -20.82 8.98 0.82
CA LEU B 49 -20.12 8.07 1.72
C LEU B 49 -19.81 8.71 3.07
N ALA B 50 -19.47 9.99 3.08
CA ALA B 50 -19.19 10.64 4.35
C ALA B 50 -20.48 10.72 5.19
N ARG B 51 -21.61 10.99 4.53
CA ARG B 51 -22.88 11.08 5.26
C ARG B 51 -23.28 9.72 5.81
N ARG B 52 -23.31 8.72 4.93
CA ARG B 52 -23.71 7.38 5.35
C ARG B 52 -22.78 6.81 6.43
N GLY B 53 -21.47 6.96 6.23
CA GLY B 53 -20.53 6.43 7.20
C GLY B 53 -20.69 7.07 8.58
N ALA B 54 -20.83 8.39 8.60
CA ALA B 54 -20.96 9.10 9.85
C ALA B 54 -22.25 8.68 10.59
N GLU B 55 -23.33 8.48 9.84
CA GLU B 55 -24.62 8.10 10.41
C GLU B 55 -24.56 6.69 10.93
N VAL B 56 -24.00 5.78 10.12
CA VAL B 56 -23.86 4.40 10.57
C VAL B 56 -22.96 4.30 11.80
N LEU B 57 -21.85 5.04 11.79
CA LEU B 57 -20.94 4.98 12.92
C LEU B 57 -21.67 5.47 14.19
N TRP B 58 -22.37 6.59 14.07
CA TRP B 58 -23.07 7.14 15.22
C TRP B 58 -24.06 6.10 15.77
N GLU B 59 -24.85 5.46 14.91
CA GLU B 59 -25.79 4.48 15.40
C GLU B 59 -25.09 3.29 16.06
N GLN B 60 -24.02 2.79 15.44
CA GLN B 60 -23.28 1.65 15.99
C GLN B 60 -22.72 1.98 17.39
N LEU B 61 -22.23 3.20 17.59
CA LEU B 61 -21.67 3.56 18.91
C LEU B 61 -22.76 3.48 20.02
N HIS B 62 -24.03 3.55 19.62
CA HIS B 62 -25.14 3.46 20.57
C HIS B 62 -25.77 2.07 20.59
N ASP B 63 -25.77 1.37 19.46
CA ASP B 63 -26.38 0.05 19.37
C ASP B 63 -25.49 -1.11 19.79
N LEU B 64 -24.19 -1.00 19.58
CA LEU B 64 -23.31 -2.13 19.93
C LEU B 64 -22.69 -1.95 21.30
N GLU B 65 -22.23 -3.04 21.90
CA GLU B 65 -21.60 -2.98 23.22
C GLU B 65 -20.39 -2.03 23.10
N TRP B 66 -19.71 -2.12 21.96
CA TRP B 66 -18.64 -1.21 21.59
C TRP B 66 -18.25 -1.48 20.12
N VAL B 67 -17.63 -0.49 19.50
CA VAL B 67 -17.19 -0.62 18.11
C VAL B 67 -15.68 -0.83 18.12
N ASN B 68 -15.18 -1.88 17.48
CA ASN B 68 -13.73 -1.98 17.49
C ASN B 68 -13.20 -2.04 16.07
N ALA B 69 -11.94 -1.68 15.90
CA ALA B 69 -11.33 -1.62 14.57
C ALA B 69 -9.83 -1.92 14.63
N LEU B 70 -9.25 -2.11 13.44
CA LEU B 70 -7.82 -2.38 13.26
C LEU B 70 -7.32 -1.39 12.18
N GLY B 71 -6.12 -0.84 12.35
CA GLY B 71 -5.56 0.09 11.39
C GLY B 71 -5.41 -0.60 10.05
N ALA B 72 -5.85 0.07 8.98
CA ALA B 72 -5.76 -0.45 7.61
C ALA B 72 -4.99 0.57 6.79
N LEU B 73 -3.98 0.12 6.03
CA LEU B 73 -3.22 1.09 5.21
C LEU B 73 -3.38 0.81 3.72
N THR B 74 -4.11 -0.24 3.35
CA THR B 74 -4.40 -0.46 1.92
C THR B 74 -5.90 -0.83 1.76
N GLY B 75 -6.41 -0.71 0.53
CA GLY B 75 -7.78 -1.04 0.24
C GLY B 75 -8.06 -2.51 0.55
N ASN B 76 -7.21 -3.42 0.07
CA ASN B 76 -7.46 -4.84 0.34
C ASN B 76 -7.47 -5.15 1.87
N MET B 77 -6.62 -4.46 2.67
CA MET B 77 -6.63 -4.72 4.11
C MET B 77 -8.02 -4.44 4.68
N ALA B 78 -8.58 -3.28 4.32
CA ALA B 78 -9.91 -2.91 4.81
C ALA B 78 -10.97 -3.92 4.37
N VAL B 79 -10.90 -4.38 3.11
CA VAL B 79 -11.86 -5.36 2.58
C VAL B 79 -11.83 -6.62 3.45
N GLN B 80 -10.62 -7.11 3.73
CA GLN B 80 -10.52 -8.32 4.55
C GLN B 80 -11.06 -8.08 5.96
N GLN B 81 -10.86 -6.88 6.51
CA GLN B 81 -11.37 -6.58 7.84
C GLN B 81 -12.91 -6.71 7.86
N VAL B 82 -13.55 -6.17 6.83
CA VAL B 82 -15.01 -6.24 6.77
C VAL B 82 -15.44 -7.67 6.49
N ARG B 83 -14.76 -8.33 5.56
CA ARG B 83 -15.08 -9.71 5.23
C ARG B 83 -15.01 -10.56 6.49
N ALA B 84 -14.05 -10.27 7.35
CA ALA B 84 -13.83 -11.03 8.60
C ALA B 84 -14.81 -10.69 9.70
N GLY B 85 -15.66 -9.69 9.45
CA GLY B 85 -16.68 -9.32 10.43
C GLY B 85 -16.55 -8.02 11.18
N LEU B 86 -15.54 -7.20 10.90
CA LEU B 86 -15.41 -5.96 11.65
C LEU B 86 -16.40 -4.95 11.09
N LYS B 87 -16.84 -4.04 11.93
CA LYS B 87 -17.86 -3.09 11.53
C LYS B 87 -17.39 -1.68 11.30
N ALA B 88 -16.10 -1.43 11.52
CA ALA B 88 -15.52 -0.11 11.31
C ALA B 88 -14.06 -0.28 10.87
N ILE B 89 -13.51 0.77 10.24
CA ILE B 89 -12.10 0.74 9.81
C ILE B 89 -11.34 1.89 10.50
N TYR B 90 -10.15 1.63 11.02
CA TYR B 90 -9.35 2.68 11.62
C TYR B 90 -8.24 3.04 10.62
N LEU B 91 -8.12 4.30 10.25
CA LEU B 91 -7.08 4.68 9.30
C LEU B 91 -5.99 5.39 10.08
N SER B 92 -4.92 4.66 10.37
CA SER B 92 -3.82 5.17 11.14
C SER B 92 -2.92 6.15 10.41
N GLY B 93 -2.63 7.30 11.03
CA GLY B 93 -1.71 8.25 10.43
C GLY B 93 -0.28 7.74 10.51
N TRP B 94 0.01 7.00 11.57
CA TRP B 94 1.34 6.42 11.79
C TRP B 94 1.67 5.45 10.61
N GLN B 95 0.73 4.57 10.26
CA GLN B 95 0.94 3.61 9.17
C GLN B 95 1.12 4.31 7.80
N VAL B 96 0.40 5.41 7.62
CA VAL B 96 0.46 6.20 6.38
C VAL B 96 1.85 6.79 6.30
N ALA B 97 2.30 7.34 7.43
CA ALA B 97 3.65 7.89 7.50
C ALA B 97 4.68 6.81 7.16
N GLY B 98 4.49 5.62 7.75
CA GLY B 98 5.47 4.58 7.52
C GLY B 98 5.39 3.84 6.20
N ASP B 99 4.22 3.78 5.52
CA ASP B 99 4.18 2.95 4.32
C ASP B 99 3.07 3.31 3.29
N ALA B 100 2.40 4.46 3.47
CA ALA B 100 1.35 4.82 2.52
C ALA B 100 1.05 6.31 2.41
N ASN B 101 2.08 7.14 2.22
CA ASN B 101 1.85 8.58 2.10
C ASN B 101 2.34 9.13 0.77
N LEU B 102 1.85 10.32 0.43
CA LEU B 102 2.11 10.87 -0.89
C LEU B 102 3.52 11.36 -1.21
N SER B 103 4.42 11.36 -0.22
CA SER B 103 5.81 11.76 -0.54
C SER B 103 6.54 10.54 -1.14
N GLY B 104 6.02 9.34 -0.89
CA GLY B 104 6.66 8.12 -1.34
C GLY B 104 7.73 7.64 -0.33
N HIS B 105 7.95 8.45 0.71
CA HIS B 105 8.96 8.11 1.71
C HIS B 105 8.47 7.42 2.95
N THR B 106 9.37 6.71 3.63
CA THR B 106 9.04 6.06 4.91
C THR B 106 9.34 7.09 6.00
N TYR B 107 8.35 7.38 6.84
CA TYR B 107 8.54 8.36 7.90
C TYR B 107 8.09 7.90 9.28
N PRO B 108 8.68 8.50 10.34
CA PRO B 108 8.26 8.16 11.69
C PRO B 108 7.04 9.12 11.88
N ASP B 109 6.38 9.02 13.04
CA ASP B 109 5.17 9.75 13.34
C ASP B 109 5.41 11.14 13.90
N GLN B 110 5.58 12.12 13.00
CA GLN B 110 5.82 13.50 13.39
C GLN B 110 5.21 14.46 12.37
N SER B 111 4.05 14.11 11.79
CA SER B 111 3.42 14.98 10.81
C SER B 111 4.42 15.44 9.74
N LEU B 112 5.13 14.49 9.16
CA LEU B 112 6.13 14.78 8.15
C LEU B 112 5.60 14.61 6.71
N TYR B 113 4.55 13.80 6.55
CA TYR B 113 4.03 13.53 5.22
C TYR B 113 3.09 14.62 4.68
N PRO B 114 2.84 14.64 3.34
CA PRO B 114 1.94 15.68 2.80
C PRO B 114 0.57 15.55 3.45
N ALA B 115 0.00 16.70 3.80
CA ALA B 115 -1.28 16.77 4.51
C ALA B 115 -2.51 16.14 3.85
N ASN B 116 -2.49 15.92 2.53
CA ASN B 116 -3.63 15.25 1.90
C ASN B 116 -3.43 13.73 1.80
N SER B 117 -2.39 13.18 2.47
CA SER B 117 -2.16 11.73 2.38
C SER B 117 -3.26 10.86 3.01
N VAL B 118 -3.71 11.19 4.22
CA VAL B 118 -4.73 10.35 4.84
C VAL B 118 -6.03 10.42 3.99
N PRO B 119 -6.46 11.62 3.57
CA PRO B 119 -7.67 11.70 2.72
C PRO B 119 -7.53 10.77 1.50
N GLN B 120 -6.35 10.72 0.86
CA GLN B 120 -6.22 9.82 -0.31
C GLN B 120 -6.45 8.34 0.08
N VAL B 121 -5.94 7.94 1.24
CA VAL B 121 -6.11 6.55 1.68
C VAL B 121 -7.59 6.30 2.07
N VAL B 122 -8.26 7.31 2.59
CA VAL B 122 -9.70 7.18 2.91
C VAL B 122 -10.45 6.89 1.62
N ARG B 123 -10.13 7.67 0.59
CA ARG B 123 -10.83 7.47 -0.70
C ARG B 123 -10.52 6.08 -1.27
N ARG B 124 -9.26 5.66 -1.14
CA ARG B 124 -8.84 4.31 -1.60
C ARG B 124 -9.62 3.21 -0.86
N ILE B 125 -9.67 3.29 0.47
CA ILE B 125 -10.40 2.28 1.24
C ILE B 125 -11.89 2.25 0.81
N ASN B 126 -12.53 3.41 0.70
CA ASN B 126 -13.92 3.40 0.24
C ASN B 126 -14.00 2.75 -1.15
N ASN B 127 -13.08 3.09 -2.05
CA ASN B 127 -13.12 2.48 -3.39
C ASN B 127 -13.02 0.95 -3.35
N ALA B 128 -12.16 0.44 -2.47
CA ALA B 128 -11.95 -1.01 -2.32
C ALA B 128 -13.20 -1.68 -1.74
N LEU B 129 -13.83 -1.00 -0.77
CA LEU B 129 -15.03 -1.54 -0.15
C LEU B 129 -16.15 -1.49 -1.20
N GLN B 130 -16.20 -0.42 -1.99
CA GLN B 130 -17.22 -0.38 -3.06
C GLN B 130 -17.05 -1.53 -4.07
N ARG B 131 -15.82 -1.91 -4.36
CA ARG B 131 -15.62 -2.99 -5.34
C ARG B 131 -16.11 -4.30 -4.72
N ALA B 132 -15.78 -4.53 -3.45
CA ALA B 132 -16.22 -5.74 -2.77
C ALA B 132 -17.75 -5.79 -2.79
N ASP B 133 -18.37 -4.65 -2.53
CA ASP B 133 -19.83 -4.48 -2.53
C ASP B 133 -20.43 -4.82 -3.94
N GLN B 134 -19.79 -4.29 -4.98
CA GLN B 134 -20.21 -4.53 -6.36
C GLN B 134 -20.10 -6.02 -6.66
N ILE B 135 -18.96 -6.62 -6.32
CA ILE B 135 -18.76 -8.04 -6.56
C ILE B 135 -19.81 -8.90 -5.80
N ALA B 136 -20.02 -8.58 -4.53
CA ALA B 136 -20.99 -9.32 -3.73
C ALA B 136 -22.38 -9.29 -4.40
N LYS B 137 -22.77 -8.12 -4.91
CA LYS B 137 -24.07 -7.99 -5.55
C LYS B 137 -24.18 -8.86 -6.80
N ILE B 138 -23.22 -8.81 -7.71
CA ILE B 138 -23.36 -9.64 -8.90
C ILE B 138 -23.21 -11.12 -8.56
N GLU B 139 -22.55 -11.46 -7.45
CA GLU B 139 -22.39 -12.86 -7.04
C GLU B 139 -23.56 -13.34 -6.15
N GLY B 140 -24.48 -12.44 -5.79
CA GLY B 140 -25.58 -12.81 -4.92
C GLY B 140 -25.08 -13.16 -3.52
N ASP B 141 -23.95 -12.59 -3.12
CA ASP B 141 -23.37 -12.86 -1.81
C ASP B 141 -23.95 -11.88 -0.79
N THR B 142 -24.73 -12.39 0.16
CA THR B 142 -25.30 -11.51 1.17
C THR B 142 -24.69 -11.79 2.54
N SER B 143 -23.57 -12.50 2.55
CA SER B 143 -22.92 -12.81 3.82
C SER B 143 -22.47 -11.56 4.61
N VAL B 144 -22.18 -10.46 3.93
CA VAL B 144 -21.78 -9.24 4.65
C VAL B 144 -22.90 -8.24 4.46
N GLU B 145 -23.48 -7.77 5.56
CA GLU B 145 -24.60 -6.83 5.50
C GLU B 145 -24.17 -5.45 5.03
N ASN B 146 -23.06 -4.96 5.54
CA ASN B 146 -22.61 -3.61 5.14
C ASN B 146 -21.12 -3.61 4.76
N TRP B 147 -20.84 -3.55 3.46
CA TRP B 147 -19.46 -3.51 2.98
C TRP B 147 -18.87 -2.14 3.27
N LEU B 148 -19.71 -1.12 3.20
CA LEU B 148 -19.25 0.25 3.45
C LEU B 148 -19.19 0.59 4.94
N ALA B 149 -18.25 -0.06 5.61
CA ALA B 149 -18.03 0.17 7.01
C ALA B 149 -17.49 1.58 7.21
N PRO B 150 -17.92 2.25 8.29
CA PRO B 150 -17.44 3.61 8.55
C PRO B 150 -15.94 3.64 8.79
N ILE B 151 -15.32 4.70 8.28
CA ILE B 151 -13.86 4.87 8.45
C ILE B 151 -13.59 6.01 9.44
N VAL B 152 -12.74 5.74 10.44
CA VAL B 152 -12.34 6.74 11.43
C VAL B 152 -10.88 7.02 11.08
N ALA B 153 -10.59 8.27 10.73
CA ALA B 153 -9.25 8.63 10.29
C ALA B 153 -8.50 9.57 11.22
N ASP B 154 -7.19 9.38 11.20
CA ASP B 154 -6.22 10.13 12.01
C ASP B 154 -5.94 11.51 11.37
N GLY B 155 -6.30 12.59 12.05
CA GLY B 155 -6.04 13.93 11.56
C GLY B 155 -4.80 14.60 12.20
N GLU B 156 -3.97 13.80 12.91
CA GLU B 156 -2.78 14.32 13.64
C GLU B 156 -3.26 15.58 14.38
N ALA B 157 -2.55 16.71 14.25
CA ALA B 157 -2.99 17.99 14.86
C ALA B 157 -3.40 18.93 13.70
N GLY B 158 -3.71 18.38 12.52
CA GLY B 158 -4.13 19.24 11.42
C GLY B 158 -3.05 19.89 10.54
N PHE B 159 -1.77 19.55 10.75
CA PHE B 159 -0.70 20.09 9.92
C PHE B 159 -0.64 21.61 9.86
N GLY B 160 -0.81 22.27 11.00
CA GLY B 160 -0.71 23.72 10.95
C GLY B 160 -1.69 24.34 11.93
N GLY B 161 -2.37 25.39 11.47
CA GLY B 161 -3.31 26.06 12.35
C GLY B 161 -4.74 25.70 12.02
N ALA B 162 -5.67 26.56 12.40
CA ALA B 162 -7.07 26.29 12.17
C ALA B 162 -7.46 26.08 10.72
N LEU B 163 -6.82 26.80 9.80
CA LEU B 163 -7.18 26.67 8.40
C LEU B 163 -6.65 25.33 7.86
N ASN B 164 -5.50 24.89 8.36
CA ASN B 164 -4.96 23.59 7.92
C ASN B 164 -5.86 22.49 8.45
N VAL B 165 -6.36 22.64 9.69
CA VAL B 165 -7.24 21.61 10.22
C VAL B 165 -8.53 21.61 9.38
N TYR B 166 -9.03 22.80 9.06
CA TYR B 166 -10.25 22.92 8.27
C TYR B 166 -10.12 22.18 6.93
N GLU B 167 -9.05 22.48 6.20
CA GLU B 167 -8.85 21.83 4.91
C GLU B 167 -8.70 20.32 5.00
N LEU B 168 -7.97 19.84 6.00
CA LEU B 168 -7.82 18.37 6.17
C LEU B 168 -9.20 17.71 6.40
N GLN B 169 -10.01 18.28 7.31
CA GLN B 169 -11.35 17.74 7.59
C GLN B 169 -12.20 17.74 6.32
N LYS B 170 -12.17 18.86 5.61
CA LYS B 170 -12.94 18.94 4.37
C LYS B 170 -12.46 17.85 3.37
N ALA B 171 -11.15 17.67 3.25
CA ALA B 171 -10.62 16.64 2.33
C ALA B 171 -11.00 15.22 2.80
N LEU B 172 -10.97 14.98 4.12
CA LEU B 172 -11.35 13.67 4.66
C LEU B 172 -12.83 13.39 4.30
N ILE B 173 -13.66 14.42 4.48
CA ILE B 173 -15.06 14.29 4.13
C ILE B 173 -15.27 14.05 2.63
N ALA B 174 -14.61 14.82 1.79
CA ALA B 174 -14.77 14.61 0.34
C ALA B 174 -14.45 13.15 -0.02
N ALA B 175 -13.46 12.59 0.68
CA ALA B 175 -13.03 11.21 0.43
C ALA B 175 -13.97 10.15 1.03
N GLY B 176 -14.87 10.56 1.93
CA GLY B 176 -15.83 9.62 2.49
C GLY B 176 -15.63 9.15 3.93
N VAL B 177 -14.88 9.92 4.72
CA VAL B 177 -14.62 9.55 6.10
C VAL B 177 -15.89 9.62 6.95
N ALA B 178 -15.93 8.80 7.99
CA ALA B 178 -17.08 8.77 8.92
C ALA B 178 -16.76 9.55 10.19
N GLY B 179 -15.49 9.53 10.59
CA GLY B 179 -15.03 10.21 11.78
C GLY B 179 -13.54 10.57 11.69
N SER B 180 -13.10 11.55 12.48
CA SER B 180 -11.70 11.97 12.44
C SER B 180 -11.25 12.37 13.84
N HIS B 181 -9.98 12.09 14.16
CA HIS B 181 -9.46 12.44 15.47
C HIS B 181 -8.35 13.49 15.35
N TRP B 182 -8.33 14.38 16.34
CA TRP B 182 -7.44 15.53 16.38
C TRP B 182 -6.80 15.62 17.76
N GLU B 183 -5.48 15.81 17.80
CA GLU B 183 -4.77 15.82 19.08
C GLU B 183 -4.15 17.19 19.40
N ASP B 184 -3.80 17.36 20.68
CA ASP B 184 -3.33 18.62 21.20
C ASP B 184 -1.83 18.81 21.41
N GLN B 185 -1.03 18.31 20.47
CA GLN B 185 0.40 18.48 20.57
C GLN B 185 0.91 19.14 19.29
N LEU B 186 2.17 19.56 19.33
CA LEU B 186 2.84 20.16 18.19
C LEU B 186 3.99 19.18 17.93
N ALA B 187 3.70 18.14 17.15
CA ALA B 187 4.66 17.09 16.83
C ALA B 187 5.94 17.60 16.21
N SER B 188 5.82 18.59 15.33
CA SER B 188 6.98 19.16 14.64
C SER B 188 8.00 19.84 15.55
N GLU B 189 7.65 19.98 16.83
CA GLU B 189 8.57 20.59 17.79
C GLU B 189 8.98 19.60 18.87
N LYS B 190 8.58 18.33 18.73
CA LYS B 190 8.95 17.30 19.71
C LYS B 190 10.46 17.38 19.97
N LYS B 191 10.86 17.50 21.23
CA LYS B 191 12.28 17.60 21.53
C LYS B 191 12.93 16.25 21.76
N CYS B 192 14.13 16.11 21.23
CA CYS B 192 14.90 14.86 21.32
C CYS B 192 15.61 14.66 22.65
N GLY B 193 15.81 13.38 22.98
CA GLY B 193 16.52 12.96 24.18
C GLY B 193 16.19 13.56 25.55
N HIS B 194 17.19 13.49 26.43
CA HIS B 194 17.14 13.98 27.81
C HIS B 194 16.35 15.27 28.02
N LEU B 195 15.33 15.18 28.88
CA LEU B 195 14.50 16.35 29.18
C LEU B 195 13.68 16.86 27.98
N GLY B 196 13.56 16.04 26.94
CA GLY B 196 12.79 16.43 25.76
C GLY B 196 11.37 15.89 25.87
N GLY B 197 10.81 15.38 24.76
CA GLY B 197 9.46 14.85 24.80
C GLY B 197 8.46 15.64 23.98
N LYS B 198 7.20 15.22 24.05
CA LYS B 198 6.14 15.89 23.31
C LYS B 198 5.83 17.29 23.89
N VAL B 199 5.40 18.17 22.99
CA VAL B 199 5.08 19.53 23.32
C VAL B 199 3.59 19.74 23.06
N LEU B 200 2.85 20.04 24.13
CA LEU B 200 1.41 20.27 24.03
C LEU B 200 1.14 21.70 23.57
N ILE B 201 -0.05 21.95 23.03
CA ILE B 201 -0.42 23.31 22.69
C ILE B 201 -1.47 23.72 23.75
N PRO B 202 -1.76 25.03 23.87
CA PRO B 202 -2.73 25.46 24.86
C PRO B 202 -4.10 24.81 24.74
N THR B 203 -4.77 24.62 25.87
CA THR B 203 -6.09 24.03 25.86
C THR B 203 -7.01 24.80 24.90
N GLN B 204 -6.90 26.13 24.90
CA GLN B 204 -7.80 26.86 24.00
C GLN B 204 -7.47 26.60 22.53
N GLN B 205 -6.21 26.37 22.22
CA GLN B 205 -5.87 26.11 20.83
C GLN B 205 -6.50 24.80 20.37
N HIS B 206 -6.58 23.79 21.25
CA HIS B 206 -7.21 22.56 20.81
C HIS B 206 -8.70 22.73 20.64
N ILE B 207 -9.30 23.60 21.45
CA ILE B 207 -10.73 23.85 21.28
C ILE B 207 -10.94 24.49 19.88
N ARG B 208 -9.99 25.33 19.48
CA ARG B 208 -10.03 25.94 18.15
C ARG B 208 -9.95 24.81 17.09
N THR B 209 -9.01 23.90 17.28
CA THR B 209 -8.89 22.79 16.33
C THR B 209 -10.20 22.05 16.22
N LEU B 210 -10.78 21.69 17.37
CA LEU B 210 -12.03 20.93 17.34
C LEU B 210 -13.17 21.75 16.77
N THR B 211 -13.15 23.04 17.05
CA THR B 211 -14.20 23.93 16.53
C THR B 211 -14.05 24.01 15.00
N SER B 212 -12.81 24.09 14.51
CA SER B 212 -12.56 24.16 13.07
C SER B 212 -13.00 22.86 12.37
N ALA B 213 -12.70 21.71 12.99
CA ALA B 213 -13.10 20.40 12.48
C ALA B 213 -14.61 20.31 12.40
N ARG B 214 -15.30 20.80 13.43
CA ARG B 214 -16.78 20.74 13.39
C ARG B 214 -17.28 21.68 12.29
N LEU B 215 -16.69 22.87 12.18
CA LEU B 215 -17.14 23.82 11.18
C LEU B 215 -17.04 23.24 9.76
N ALA B 216 -15.90 22.62 9.44
CA ALA B 216 -15.73 22.04 8.09
C ALA B 216 -16.80 20.98 7.82
N ALA B 217 -17.16 20.20 8.82
CA ALA B 217 -18.20 19.18 8.62
C ALA B 217 -19.57 19.85 8.39
N ASP B 218 -19.85 20.91 9.17
CA ASP B 218 -21.09 21.65 9.02
C ASP B 218 -21.17 22.29 7.64
N VAL B 219 -20.09 22.95 7.22
CA VAL B 219 -20.11 23.58 5.88
C VAL B 219 -20.30 22.52 4.77
N ALA B 220 -19.72 21.33 4.97
CA ALA B 220 -19.82 20.22 4.02
C ALA B 220 -21.14 19.48 4.20
N ASP B 221 -21.93 19.89 5.20
CA ASP B 221 -23.28 19.33 5.47
C ASP B 221 -23.34 17.83 5.80
N VAL B 222 -22.42 17.32 6.63
CA VAL B 222 -22.42 15.90 7.01
C VAL B 222 -22.15 15.85 8.51
N PRO B 223 -22.74 14.89 9.22
CA PRO B 223 -22.60 14.75 10.66
C PRO B 223 -21.35 13.98 11.16
N THR B 224 -20.19 14.35 10.59
CA THR B 224 -18.93 13.68 10.92
C THR B 224 -18.69 13.50 12.42
N VAL B 225 -18.21 12.32 12.82
CA VAL B 225 -17.90 12.08 14.23
C VAL B 225 -16.55 12.67 14.52
N VAL B 226 -16.51 13.59 15.49
CA VAL B 226 -15.29 14.31 15.87
C VAL B 226 -14.72 13.75 17.15
N ILE B 227 -13.47 13.33 17.10
CA ILE B 227 -12.83 12.73 18.26
C ILE B 227 -11.66 13.60 18.70
N ALA B 228 -11.63 13.92 19.98
CA ALA B 228 -10.54 14.72 20.54
C ALA B 228 -9.56 13.80 21.28
N ARG B 229 -8.28 13.94 20.98
CA ARG B 229 -7.24 13.14 21.62
C ARG B 229 -6.35 14.07 22.44
N THR B 230 -5.97 13.65 23.63
CA THR B 230 -5.07 14.46 24.42
C THR B 230 -3.81 13.68 24.65
N ASP B 231 -2.69 14.37 24.51
CA ASP B 231 -1.38 13.78 24.66
C ASP B 231 -0.69 14.18 25.97
N ALA B 232 -1.46 14.70 26.93
CA ALA B 232 -0.91 15.18 28.21
C ALA B 232 -0.40 14.08 29.15
N GLU B 233 -0.69 12.83 28.84
CA GLU B 233 -0.24 11.76 29.70
C GLU B 233 1.27 11.69 29.76
N ALA B 234 1.94 11.83 28.62
CA ALA B 234 3.40 11.78 28.58
C ALA B 234 4.07 13.09 28.22
N ALA B 235 3.35 14.03 27.62
CA ALA B 235 3.99 15.30 27.24
C ALA B 235 4.56 16.03 28.46
N THR B 236 5.78 16.53 28.31
CA THR B 236 6.47 17.19 29.40
C THR B 236 6.64 18.67 29.14
N LEU B 237 6.21 19.10 27.96
CA LEU B 237 6.33 20.51 27.57
C LEU B 237 5.02 21.06 27.02
N ILE B 238 4.89 22.38 27.00
CA ILE B 238 3.73 23.04 26.44
C ILE B 238 4.28 24.32 25.83
N THR B 239 3.74 24.77 24.69
CA THR B 239 4.24 25.96 24.01
C THR B 239 4.08 27.26 24.78
N SER B 240 2.98 27.41 25.51
CA SER B 240 2.75 28.65 26.20
C SER B 240 1.98 28.42 27.50
N ASP B 241 2.11 29.36 28.44
CA ASP B 241 1.39 29.26 29.70
C ASP B 241 0.19 30.23 29.66
N VAL B 242 -0.16 30.71 28.47
CA VAL B 242 -1.25 31.65 28.33
C VAL B 242 -2.62 31.22 28.84
N ASP B 243 -2.96 29.93 28.69
CA ASP B 243 -4.27 29.45 29.11
C ASP B 243 -4.30 29.14 30.60
N GLU B 244 -5.16 29.83 31.34
CA GLU B 244 -5.21 29.60 32.78
C GLU B 244 -5.51 28.14 33.14
N ARG B 245 -6.17 27.40 32.25
CA ARG B 245 -6.48 25.99 32.53
C ARG B 245 -5.22 25.13 32.51
N ASP B 246 -4.17 25.62 31.86
CA ASP B 246 -2.89 24.89 31.77
C ASP B 246 -1.90 25.31 32.85
N GLN B 247 -2.09 26.51 33.39
CA GLN B 247 -1.18 27.01 34.41
C GLN B 247 -1.01 26.11 35.65
N PRO B 248 -2.07 25.45 36.13
CA PRO B 248 -1.84 24.61 37.31
C PRO B 248 -0.70 23.58 37.14
N PHE B 249 -0.41 23.18 35.91
CA PHE B 249 0.61 22.16 35.68
C PHE B 249 1.96 22.70 35.27
N ILE B 250 2.05 24.01 35.00
CA ILE B 250 3.30 24.63 34.58
C ILE B 250 4.24 24.74 35.78
N THR B 251 5.48 24.27 35.65
CA THR B 251 6.39 24.35 36.80
C THR B 251 7.04 25.72 36.87
N GLY B 252 7.61 26.19 35.77
CA GLY B 252 8.24 27.50 35.79
C GLY B 252 9.46 27.47 34.92
N GLU B 253 10.17 26.34 34.94
CA GLU B 253 11.34 26.17 34.10
C GLU B 253 10.88 26.38 32.66
N ARG B 254 11.76 26.97 31.86
CA ARG B 254 11.46 27.25 30.47
C ARG B 254 12.65 26.69 29.71
N THR B 255 12.41 26.13 28.53
CA THR B 255 13.51 25.57 27.76
C THR B 255 14.18 26.60 26.86
N ARG B 256 15.26 26.19 26.22
CA ARG B 256 16.03 27.04 25.32
C ARG B 256 15.16 27.49 24.13
N GLU B 257 14.20 26.67 23.78
CA GLU B 257 13.31 26.98 22.66
C GLU B 257 12.22 27.89 23.15
N GLY B 258 12.18 28.07 24.47
CA GLY B 258 11.16 28.91 25.06
C GLY B 258 9.90 28.16 25.46
N PHE B 259 9.91 26.84 25.45
CA PHE B 259 8.70 26.14 25.86
C PHE B 259 8.64 26.09 27.40
N TYR B 260 7.49 25.71 27.93
CA TYR B 260 7.30 25.64 29.38
C TYR B 260 7.21 24.20 29.82
N ARG B 261 7.92 23.85 30.89
CA ARG B 261 7.85 22.49 31.42
C ARG B 261 6.50 22.36 32.11
N THR B 262 5.87 21.20 31.97
CA THR B 262 4.55 21.02 32.54
C THR B 262 4.47 19.62 33.13
N LYS B 263 3.76 19.48 34.26
CA LYS B 263 3.63 18.18 34.93
C LYS B 263 2.67 17.26 34.17
N ASN B 264 3.16 16.14 33.69
CA ASN B 264 2.34 15.21 32.91
C ASN B 264 1.58 14.22 33.76
N GLY B 265 0.81 13.35 33.10
CA GLY B 265 0.06 12.38 33.86
C GLY B 265 -1.42 12.41 33.59
N ILE B 266 -2.14 11.69 34.41
CA ILE B 266 -3.58 11.58 34.21
C ILE B 266 -4.33 12.83 34.61
N GLU B 267 -3.77 13.58 35.56
CA GLU B 267 -4.47 14.77 35.99
C GLU B 267 -4.74 15.76 34.86
N PRO B 268 -3.69 16.20 34.13
CA PRO B 268 -3.91 17.15 33.02
C PRO B 268 -4.80 16.52 31.91
N CYS B 269 -4.73 15.19 31.71
CA CYS B 269 -5.59 14.54 30.70
C CYS B 269 -7.06 14.68 31.06
N ILE B 270 -7.37 14.50 32.34
CA ILE B 270 -8.75 14.59 32.81
C ILE B 270 -9.23 16.03 32.63
N ALA B 271 -8.41 16.98 33.04
CA ALA B 271 -8.77 18.39 32.91
C ALA B 271 -8.99 18.78 31.43
N ARG B 272 -8.05 18.40 30.55
CA ARG B 272 -8.21 18.75 29.13
C ARG B 272 -9.42 18.03 28.57
N ALA B 273 -9.63 16.78 28.99
CA ALA B 273 -10.76 16.03 28.51
C ALA B 273 -12.07 16.75 28.87
N LYS B 274 -12.16 17.31 30.09
CA LYS B 274 -13.40 18.00 30.46
C LYS B 274 -13.55 19.29 29.62
N ALA B 275 -12.45 20.00 29.39
CA ALA B 275 -12.50 21.21 28.57
C ALA B 275 -12.89 20.88 27.12
N TYR B 276 -12.51 19.68 26.65
CA TYR B 276 -12.80 19.30 25.26
C TYR B 276 -14.18 18.70 25.03
N ALA B 277 -14.76 18.14 26.09
CA ALA B 277 -16.03 17.47 25.97
C ALA B 277 -17.17 18.18 25.23
N PRO B 278 -17.34 19.48 25.44
CA PRO B 278 -18.47 20.10 24.69
C PRO B 278 -18.17 20.20 23.18
N PHE B 279 -16.92 19.90 22.82
CA PHE B 279 -16.47 20.01 21.43
C PHE B 279 -16.10 18.70 20.80
N ALA B 280 -16.41 17.59 21.43
CA ALA B 280 -16.02 16.29 20.87
C ALA B 280 -17.07 15.21 21.05
N ASP B 281 -17.31 14.41 20.00
CA ASP B 281 -18.25 13.31 20.13
C ASP B 281 -17.61 12.18 20.95
N LEU B 282 -16.28 12.08 20.92
CA LEU B 282 -15.57 11.07 21.70
C LEU B 282 -14.25 11.68 22.16
N ILE B 283 -13.76 11.22 23.31
CA ILE B 283 -12.52 11.73 23.85
C ILE B 283 -11.58 10.56 24.05
N TRP B 284 -10.32 10.80 23.76
CA TRP B 284 -9.31 9.77 23.80
C TRP B 284 -8.07 10.26 24.53
N MET B 285 -7.68 9.49 25.56
CA MET B 285 -6.49 9.78 26.31
C MET B 285 -5.37 8.91 25.68
N GLU B 286 -4.43 9.52 24.97
CA GLU B 286 -3.36 8.73 24.36
C GLU B 286 -2.58 8.04 25.48
N THR B 287 -2.26 6.77 25.32
CA THR B 287 -1.49 6.13 26.36
C THR B 287 -0.46 5.14 25.83
N GLY B 288 0.59 4.95 26.61
CA GLY B 288 1.67 4.06 26.18
C GLY B 288 1.58 2.64 26.68
N THR B 289 1.05 2.47 27.89
CA THR B 289 0.91 1.16 28.51
C THR B 289 -0.55 0.89 28.83
N PRO B 290 -1.12 -0.21 28.33
CA PRO B 290 -2.52 -0.44 28.67
C PRO B 290 -2.61 -0.52 30.20
N ASP B 291 -3.58 0.18 30.76
CA ASP B 291 -3.72 0.22 32.20
C ASP B 291 -5.19 0.38 32.56
N LEU B 292 -5.82 -0.72 32.95
CA LEU B 292 -7.23 -0.67 33.30
C LEU B 292 -7.57 0.33 34.40
N GLU B 293 -6.69 0.45 35.39
CA GLU B 293 -6.95 1.40 36.48
C GLU B 293 -6.91 2.84 35.97
N ALA B 294 -5.89 3.19 35.17
CA ALA B 294 -5.81 4.55 34.63
C ALA B 294 -7.05 4.82 33.77
N ALA B 295 -7.39 3.86 32.92
CA ALA B 295 -8.59 3.98 32.08
C ALA B 295 -9.86 4.23 32.93
N ARG B 296 -10.00 3.46 34.02
CA ARG B 296 -11.15 3.62 34.90
C ARG B 296 -11.14 5.01 35.55
N GLN B 297 -9.97 5.42 36.01
CA GLN B 297 -9.84 6.71 36.65
C GLN B 297 -10.19 7.81 35.65
N PHE B 298 -9.64 7.71 34.45
CA PHE B 298 -9.93 8.74 33.43
C PHE B 298 -11.39 8.78 33.09
N SER B 299 -12.00 7.63 32.79
CA SER B 299 -13.41 7.67 32.41
C SER B 299 -14.36 8.09 33.50
N GLU B 300 -14.14 7.64 34.74
CA GLU B 300 -15.03 8.03 35.83
C GLU B 300 -14.95 9.54 36.08
N ALA B 301 -13.75 10.11 36.00
CA ALA B 301 -13.56 11.55 36.22
C ALA B 301 -14.27 12.38 35.12
N VAL B 302 -14.21 11.93 33.86
CA VAL B 302 -14.86 12.64 32.77
C VAL B 302 -16.38 12.49 32.88
N LYS B 303 -16.83 11.27 33.16
CA LYS B 303 -18.26 11.03 33.23
C LYS B 303 -18.92 11.66 34.46
N ALA B 304 -18.13 11.98 35.48
CA ALA B 304 -18.68 12.62 36.68
C ALA B 304 -19.16 14.00 36.24
N GLU B 305 -18.53 14.54 35.21
CA GLU B 305 -18.92 15.84 34.70
C GLU B 305 -19.84 15.70 33.50
N TYR B 306 -19.56 14.75 32.63
CA TYR B 306 -20.36 14.53 31.43
C TYR B 306 -20.72 13.07 31.35
N PRO B 307 -21.76 12.66 32.11
CA PRO B 307 -22.21 11.27 32.15
C PRO B 307 -22.39 10.53 30.82
N ASP B 308 -22.90 11.20 29.80
CA ASP B 308 -23.10 10.52 28.53
C ASP B 308 -21.93 10.62 27.54
N GLN B 309 -20.80 11.16 27.97
CA GLN B 309 -19.65 11.32 27.08
C GLN B 309 -18.99 9.97 26.70
N MET B 310 -19.00 9.63 25.42
CA MET B 310 -18.36 8.39 24.97
C MET B 310 -16.86 8.61 24.84
N LEU B 311 -16.10 7.55 25.07
CA LEU B 311 -14.65 7.64 25.00
C LEU B 311 -14.08 6.70 23.95
N ALA B 312 -12.85 6.97 23.51
CA ALA B 312 -12.18 6.10 22.52
C ALA B 312 -10.88 5.60 23.16
N TYR B 313 -10.40 4.43 22.75
CA TYR B 313 -9.20 3.85 23.35
C TYR B 313 -8.30 3.10 22.37
N ASN B 314 -6.98 3.41 22.34
CA ASN B 314 -6.07 2.64 21.47
C ASN B 314 -5.46 1.54 22.33
N CYS B 315 -5.57 0.30 21.88
CA CYS B 315 -4.95 -0.82 22.57
C CYS B 315 -3.54 -0.92 22.04
N SER B 316 -2.56 -0.67 22.91
CA SER B 316 -1.16 -0.66 22.50
C SER B 316 -0.67 -1.80 21.61
N PRO B 317 -0.10 -1.46 20.44
CA PRO B 317 0.38 -2.54 19.58
C PRO B 317 1.77 -2.98 20.00
N SER B 318 2.47 -2.14 20.76
CA SER B 318 3.85 -2.47 21.17
C SER B 318 3.99 -3.12 22.55
N PHE B 319 2.99 -2.97 23.40
CA PHE B 319 3.02 -3.56 24.74
C PHE B 319 3.18 -5.08 24.64
N ASN B 320 4.03 -5.67 25.47
CA ASN B 320 4.20 -7.11 25.45
C ASN B 320 3.07 -7.67 26.33
N TRP B 321 1.91 -7.88 25.70
CA TRP B 321 0.71 -8.36 26.41
C TRP B 321 0.90 -9.67 27.21
N LYS B 322 1.36 -10.74 26.54
CA LYS B 322 1.54 -12.05 27.18
C LYS B 322 2.52 -12.04 28.35
N LYS B 323 3.56 -11.23 28.23
CA LYS B 323 4.55 -11.15 29.29
C LYS B 323 3.97 -10.53 30.56
N HIS B 324 3.09 -9.55 30.40
CA HIS B 324 2.54 -8.84 31.54
C HIS B 324 1.15 -9.17 32.03
N LEU B 325 0.37 -9.89 31.23
CA LEU B 325 -1.00 -10.17 31.61
C LEU B 325 -1.31 -11.62 31.29
N ASP B 326 -2.23 -12.21 32.07
CA ASP B 326 -2.60 -13.59 31.83
C ASP B 326 -3.62 -13.63 30.66
N ASP B 327 -3.92 -14.83 30.19
CA ASP B 327 -4.83 -14.92 29.07
C ASP B 327 -6.23 -14.39 29.31
N ALA B 328 -6.76 -14.63 30.52
CA ALA B 328 -8.10 -14.13 30.82
C ALA B 328 -8.16 -12.60 30.78
N THR B 329 -7.15 -11.93 31.32
CA THR B 329 -7.16 -10.46 31.34
C THR B 329 -7.09 -9.93 29.88
N ILE B 330 -6.24 -10.56 29.09
CA ILE B 330 -6.09 -10.17 27.69
C ILE B 330 -7.45 -10.31 26.96
N ALA B 331 -8.12 -11.44 27.22
CA ALA B 331 -9.41 -11.76 26.60
C ALA B 331 -10.52 -10.83 26.99
N LYS B 332 -10.48 -10.31 28.21
CA LYS B 332 -11.57 -9.44 28.65
C LYS B 332 -11.26 -7.96 28.54
N PHE B 333 -10.02 -7.62 28.19
CA PHE B 333 -9.60 -6.21 28.16
C PHE B 333 -10.60 -5.25 27.49
N GLN B 334 -10.91 -5.49 26.21
CA GLN B 334 -11.83 -4.59 25.53
C GLN B 334 -13.26 -4.58 26.11
N LYS B 335 -13.77 -5.74 26.50
CA LYS B 335 -15.11 -5.80 27.09
C LYS B 335 -15.13 -4.94 28.36
N GLU B 336 -14.08 -5.07 29.17
CA GLU B 336 -13.97 -4.29 30.41
C GLU B 336 -13.95 -2.80 30.08
N LEU B 337 -13.13 -2.40 29.11
CA LEU B 337 -13.10 -0.97 28.74
C LEU B 337 -14.46 -0.50 28.23
N ALA B 338 -15.14 -1.37 27.49
CA ALA B 338 -16.44 -0.99 26.93
C ALA B 338 -17.38 -0.63 28.08
N ALA B 339 -17.29 -1.38 29.18
CA ALA B 339 -18.16 -1.14 30.33
C ALA B 339 -17.86 0.20 30.95
N MET B 340 -16.64 0.69 30.77
CA MET B 340 -16.31 1.99 31.33
C MET B 340 -16.75 3.17 30.42
N GLY B 341 -17.22 2.86 29.21
CA GLY B 341 -17.62 3.92 28.28
C GLY B 341 -16.69 4.12 27.06
N PHE B 342 -15.70 3.24 26.90
CA PHE B 342 -14.79 3.34 25.76
C PHE B 342 -15.53 2.58 24.66
N LYS B 343 -16.32 3.31 23.90
CA LYS B 343 -17.16 2.74 22.85
C LYS B 343 -16.49 2.59 21.49
N PHE B 344 -15.38 3.29 21.25
CA PHE B 344 -14.63 3.06 19.99
C PHE B 344 -13.23 2.58 20.41
N GLN B 345 -12.86 1.36 20.02
CA GLN B 345 -11.56 0.81 20.40
C GLN B 345 -10.83 0.31 19.16
N PHE B 346 -9.51 0.41 19.18
CA PHE B 346 -8.76 0.04 17.99
C PHE B 346 -7.31 -0.25 18.32
N ILE B 347 -6.63 -0.90 17.36
CA ILE B 347 -5.20 -1.18 17.47
C ILE B 347 -4.63 -0.42 16.27
N THR B 348 -3.98 0.69 16.54
CA THR B 348 -3.43 1.56 15.49
C THR B 348 -2.55 0.89 14.44
N LEU B 349 -1.58 0.09 14.87
CA LEU B 349 -0.63 -0.50 13.93
C LEU B 349 -0.88 -1.93 13.54
N ALA B 350 -2.12 -2.37 13.59
CA ALA B 350 -2.40 -3.77 13.26
C ALA B 350 -1.99 -4.09 11.83
N GLY B 351 -2.23 -3.16 10.90
CA GLY B 351 -1.88 -3.42 9.50
C GLY B 351 -0.37 -3.47 9.28
N PHE B 352 0.33 -2.51 9.86
CA PHE B 352 1.78 -2.47 9.79
C PHE B 352 2.37 -3.82 10.28
N HIS B 353 1.86 -4.35 11.38
CA HIS B 353 2.40 -5.63 11.88
C HIS B 353 2.01 -6.81 11.04
N ALA B 354 0.77 -6.88 10.60
CA ALA B 354 0.38 -8.01 9.78
C ALA B 354 1.14 -8.01 8.45
N LEU B 355 1.30 -6.83 7.85
CA LEU B 355 1.98 -6.71 6.54
C LEU B 355 3.47 -7.03 6.66
N ASN B 356 4.14 -6.38 7.59
CA ASN B 356 5.58 -6.65 7.75
C ASN B 356 5.82 -8.10 8.17
N TYR B 357 5.08 -8.60 9.16
CA TYR B 357 5.34 -9.98 9.59
C TYR B 357 5.04 -11.03 8.52
N SER B 358 3.87 -10.94 7.86
CA SER B 358 3.56 -11.94 6.86
C SER B 358 4.59 -11.96 5.72
N MET B 359 5.07 -10.80 5.27
CA MET B 359 6.04 -10.82 4.19
C MET B 359 7.40 -11.30 4.71
N PHE B 360 7.80 -10.87 5.89
CA PHE B 360 9.08 -11.38 6.41
C PHE B 360 9.05 -12.91 6.53
N ASP B 361 7.96 -13.45 7.07
CA ASP B 361 7.87 -14.91 7.27
C ASP B 361 7.91 -15.67 5.95
N LEU B 362 7.11 -15.22 4.99
CA LEU B 362 7.07 -15.85 3.68
C LEU B 362 8.43 -15.73 3.00
N ALA B 363 8.98 -14.53 2.99
CA ALA B 363 10.23 -14.33 2.29
C ALA B 363 11.38 -15.14 2.91
N TYR B 364 11.39 -15.21 4.23
CA TYR B 364 12.47 -15.94 4.89
C TYR B 364 12.37 -17.43 4.51
N GLY B 365 11.15 -17.98 4.57
CA GLY B 365 10.96 -19.37 4.21
C GLY B 365 11.28 -19.60 2.73
N TYR B 366 10.95 -18.61 1.90
CA TYR B 366 11.21 -18.71 0.46
C TYR B 366 12.70 -18.64 0.21
N ALA B 367 13.42 -17.77 0.90
CA ALA B 367 14.88 -17.68 0.69
C ALA B 367 15.52 -19.04 1.04
N GLN B 368 14.95 -19.74 2.03
CA GLN B 368 15.49 -21.02 2.48
C GLN B 368 15.01 -22.21 1.68
N ASN B 369 13.69 -22.32 1.44
CA ASN B 369 13.11 -23.50 0.76
C ASN B 369 12.26 -23.25 -0.49
N GLN B 370 12.38 -22.06 -1.06
CA GLN B 370 11.63 -21.72 -2.26
C GLN B 370 10.14 -22.07 -2.26
N MET B 371 9.64 -22.80 -3.26
CA MET B 371 8.21 -23.05 -3.33
C MET B 371 7.52 -23.65 -2.11
N SER B 372 8.26 -24.42 -1.32
CA SER B 372 7.69 -25.03 -0.12
C SER B 372 7.08 -23.98 0.82
N ALA B 373 7.75 -22.86 0.98
CA ALA B 373 7.29 -21.76 1.85
C ALA B 373 5.99 -21.13 1.35
N TYR B 374 5.89 -20.94 0.03
CA TYR B 374 4.69 -20.35 -0.53
C TYR B 374 3.53 -21.35 -0.36
N VAL B 375 3.81 -22.64 -0.63
CA VAL B 375 2.76 -23.65 -0.47
C VAL B 375 2.18 -23.63 0.94
N GLU B 376 3.02 -23.37 1.94
CA GLU B 376 2.52 -23.30 3.31
C GLU B 376 1.47 -22.21 3.49
N LEU B 377 1.72 -21.05 2.88
CA LEU B 377 0.79 -19.92 2.95
C LEU B 377 -0.45 -20.29 2.15
N GLN B 378 -0.24 -20.83 0.95
CA GLN B 378 -1.40 -21.19 0.14
C GLN B 378 -2.32 -22.18 0.88
N GLU B 379 -1.73 -23.14 1.58
CA GLU B 379 -2.56 -24.11 2.32
C GLU B 379 -3.33 -23.41 3.44
N ARG B 380 -2.72 -22.44 4.11
CA ARG B 380 -3.47 -21.72 5.15
C ARG B 380 -4.65 -20.96 4.53
N GLU B 381 -4.43 -20.40 3.35
CA GLU B 381 -5.48 -19.68 2.66
C GLU B 381 -6.62 -20.64 2.30
N PHE B 382 -6.28 -21.82 1.79
CA PHE B 382 -7.35 -22.78 1.46
C PHE B 382 -8.15 -23.10 2.74
N ALA B 383 -7.45 -23.28 3.86
CA ALA B 383 -8.10 -23.59 5.14
C ALA B 383 -8.99 -22.45 5.64
N ALA B 384 -8.59 -21.21 5.37
CA ALA B 384 -9.35 -20.04 5.79
C ALA B 384 -10.67 -19.89 5.04
N GLU B 385 -10.81 -20.58 3.90
CA GLU B 385 -12.02 -20.49 3.11
C GLU B 385 -13.20 -20.92 3.98
N GLU B 386 -12.98 -21.84 4.90
CA GLU B 386 -14.05 -22.30 5.78
C GLU B 386 -14.59 -21.15 6.62
N ARG B 387 -13.74 -20.16 6.90
CA ARG B 387 -14.15 -19.02 7.71
C ARG B 387 -14.69 -17.90 6.87
N GLY B 388 -14.76 -18.11 5.56
CA GLY B 388 -15.29 -17.09 4.64
C GLY B 388 -14.28 -16.32 3.79
N TYR B 389 -13.00 -16.68 3.89
CA TYR B 389 -11.92 -16.03 3.13
C TYR B 389 -12.15 -16.31 1.66
N THR B 390 -12.04 -15.29 0.82
CA THR B 390 -12.30 -15.49 -0.62
C THR B 390 -11.11 -15.14 -1.54
N ALA B 391 -10.03 -14.56 -1.01
CA ALA B 391 -8.90 -14.12 -1.83
C ALA B 391 -8.09 -15.20 -2.58
N THR B 392 -8.33 -16.47 -2.24
CA THR B 392 -7.67 -17.56 -2.96
C THR B 392 -8.21 -17.47 -4.40
N LYS B 393 -9.41 -16.96 -4.59
CA LYS B 393 -9.92 -16.76 -5.95
C LYS B 393 -9.52 -15.30 -6.25
N HIS B 394 -8.25 -15.14 -6.57
CA HIS B 394 -7.66 -13.82 -6.76
C HIS B 394 -8.28 -12.95 -7.85
N GLN B 395 -8.62 -13.52 -9.02
CA GLN B 395 -9.21 -12.75 -10.14
C GLN B 395 -10.55 -12.18 -9.69
N ARG B 396 -11.36 -13.06 -9.11
CA ARG B 396 -12.66 -12.69 -8.61
C ARG B 396 -12.52 -11.56 -7.58
N GLU B 397 -11.57 -11.74 -6.67
CA GLU B 397 -11.33 -10.81 -5.54
C GLU B 397 -11.06 -9.36 -5.98
N VAL B 398 -10.38 -9.19 -7.10
CA VAL B 398 -10.07 -7.83 -7.54
C VAL B 398 -11.05 -7.34 -8.60
N GLY B 399 -12.13 -8.07 -8.81
CA GLY B 399 -13.13 -7.62 -9.76
C GLY B 399 -13.14 -8.11 -11.19
N ALA B 400 -12.40 -9.19 -11.51
CA ALA B 400 -12.41 -9.66 -12.90
C ALA B 400 -13.83 -10.03 -13.34
N GLY B 401 -14.64 -10.62 -12.45
CA GLY B 401 -15.99 -10.98 -12.86
C GLY B 401 -16.86 -9.75 -13.05
N TYR B 402 -16.63 -8.72 -12.21
CA TYR B 402 -17.39 -7.49 -12.32
C TYR B 402 -17.06 -6.80 -13.66
N PHE B 403 -15.77 -6.73 -14.03
CA PHE B 403 -15.41 -6.09 -15.30
C PHE B 403 -15.83 -6.95 -16.48
N ASP B 404 -15.83 -8.28 -16.30
CA ASP B 404 -16.32 -9.15 -17.37
C ASP B 404 -17.82 -8.82 -17.56
N ARG B 405 -18.52 -8.54 -16.47
CA ARG B 405 -19.93 -8.22 -16.61
C ARG B 405 -20.11 -6.89 -17.35
N ILE B 406 -19.26 -5.92 -17.06
CA ILE B 406 -19.36 -4.65 -17.79
C ILE B 406 -19.13 -4.94 -19.30
N ALA B 407 -18.08 -5.69 -19.60
CA ALA B 407 -17.78 -5.98 -21.00
C ALA B 407 -18.98 -6.64 -21.69
N THR B 408 -19.62 -7.57 -20.98
CA THR B 408 -20.77 -8.31 -21.50
C THR B 408 -21.96 -7.36 -21.67
N THR B 409 -22.15 -6.47 -20.71
CA THR B 409 -23.24 -5.49 -20.77
C THR B 409 -23.08 -4.63 -22.01
N VAL B 410 -21.86 -4.17 -22.25
CA VAL B 410 -21.58 -3.34 -23.42
C VAL B 410 -21.67 -4.12 -24.75
N ASP B 411 -21.39 -5.42 -24.73
CA ASP B 411 -21.44 -6.27 -25.93
C ASP B 411 -22.88 -6.65 -26.28
N PRO B 412 -23.43 -6.09 -27.39
CA PRO B 412 -24.81 -6.44 -27.75
C PRO B 412 -25.03 -7.91 -28.18
N ASN B 413 -23.97 -8.58 -28.62
CA ASN B 413 -24.05 -9.98 -29.04
C ASN B 413 -23.92 -10.93 -27.84
N SER B 414 -23.88 -10.38 -26.63
CA SER B 414 -23.75 -11.22 -25.43
C SER B 414 -24.76 -10.75 -24.40
N SER B 415 -25.34 -11.70 -23.70
CA SER B 415 -26.32 -11.35 -22.69
C SER B 415 -25.78 -11.59 -21.30
N THR B 416 -26.22 -10.77 -20.37
CA THR B 416 -25.79 -10.90 -19.00
C THR B 416 -26.77 -11.80 -18.27
N THR B 417 -26.31 -12.42 -17.19
CA THR B 417 -27.18 -13.28 -16.40
C THR B 417 -27.89 -12.41 -15.37
N ALA B 418 -29.20 -12.55 -15.29
CA ALA B 418 -30.00 -11.77 -14.35
C ALA B 418 -29.65 -12.11 -12.90
N LEU B 419 -29.78 -11.13 -12.01
CA LEU B 419 -29.50 -11.32 -10.58
C LEU B 419 -30.77 -11.72 -9.83
#